data_5ME6
#
_entry.id   5ME6
#
_cell.length_a   57.699
_cell.length_b   108.868
_cell.length_c   122.839
_cell.angle_alpha   90.000
_cell.angle_beta   90.000
_cell.angle_gamma   90.000
#
_symmetry.space_group_name_H-M   'P 21 21 21'
#
loop_
_entity.id
_entity.type
_entity.pdbx_description
1 polymer 'Eukaryotic transcription initiation factor 4E'
2 non-polymer "7N-METHYL-8-HYDROGUANOSINE-5'-DIPHOSPHATE"
#
_entity_poly.entity_id   1
_entity_poly.type   'polypeptide(L)'
_entity_poly.pdbx_seq_one_letter_code
;SNAASLVHQPHPLEHSWTFWFDNPSAKSKQATWGASIRPIYTFSTVEEFWSVYNNIHHPSKLAMRADLYCFKHKIEPKWE
DPVCANGGKWTVNFPRGKSDNGWLYTLLAMIGEQFDCGDEICGAVVNVRSGQDKISIWTKNASNEAAQASIGKQWKEFLD
YNESIGFIFHDDAKKFDRHAKNKYMV
;
_entity_poly.pdbx_strand_id   A,B,C,D
#
loop_
_chem_comp.id
_chem_comp.type
_chem_comp.name
_chem_comp.formula
M7G non-polymer 7N-METHYL-8-HYDROGUANOSINE-5'-DIPHOSPHATE 'C11 H18 N5 O11 P2 1'
#
# COMPACT_ATOMS: atom_id res chain seq x y z
N ASN A 2 22.37 -22.13 -18.69
CA ASN A 2 22.36 -22.73 -20.06
C ASN A 2 21.32 -22.15 -21.14
N ALA A 3 21.40 -22.74 -22.35
CA ALA A 3 20.66 -22.34 -23.57
C ALA A 3 19.12 -22.38 -23.56
N ALA A 4 18.53 -23.29 -22.77
CA ALA A 4 17.04 -23.43 -22.58
C ALA A 4 16.34 -22.11 -22.62
N SER A 5 16.64 -21.28 -21.63
CA SER A 5 16.06 -19.92 -21.52
C SER A 5 16.60 -18.83 -22.55
N LEU A 6 17.54 -19.19 -23.44
CA LEU A 6 18.01 -18.41 -24.62
C LEU A 6 17.20 -18.49 -25.90
N VAL A 7 16.78 -19.71 -26.25
CA VAL A 7 16.03 -19.94 -27.48
C VAL A 7 14.54 -19.85 -27.28
N HIS A 8 14.05 -19.86 -26.05
CA HIS A 8 12.64 -19.68 -25.80
C HIS A 8 12.59 -18.68 -24.69
N GLN A 9 12.85 -17.43 -25.08
CA GLN A 9 12.88 -16.30 -24.19
C GLN A 9 11.57 -15.65 -24.15
N PRO A 10 11.00 -15.49 -22.94
CA PRO A 10 9.76 -14.76 -22.85
C PRO A 10 9.87 -13.29 -23.33
N HIS A 11 8.80 -12.74 -23.90
CA HIS A 11 8.80 -11.39 -24.38
C HIS A 11 8.02 -10.54 -23.43
N PRO A 12 8.77 -9.69 -22.70
CA PRO A 12 8.18 -8.85 -21.67
C PRO A 12 7.34 -7.66 -22.17
N LEU A 13 6.24 -7.39 -21.49
CA LEU A 13 5.35 -6.25 -21.71
C LEU A 13 5.95 -5.02 -21.03
N GLU A 14 5.48 -3.85 -21.44
CA GLU A 14 5.88 -2.62 -20.87
C GLU A 14 5.48 -2.67 -19.41
N HIS A 15 4.29 -3.13 -19.08
CA HIS A 15 3.80 -3.05 -17.69
C HIS A 15 3.41 -4.45 -17.27
N SER A 16 3.30 -4.66 -15.96
CA SER A 16 2.67 -5.86 -15.43
C SER A 16 1.17 -5.64 -15.15
N TRP A 17 0.36 -6.70 -15.27
CA TRP A 17 -1.05 -6.53 -15.26
C TRP A 17 -1.58 -7.58 -14.38
N THR A 18 -2.63 -7.26 -13.66
CA THR A 18 -3.21 -8.21 -12.76
C THR A 18 -4.66 -8.32 -13.18
N PHE A 19 -5.09 -9.57 -13.48
CA PHE A 19 -6.52 -9.94 -13.55
C PHE A 19 -7.10 -10.11 -12.16
N TRP A 20 -8.28 -9.51 -11.97
CA TRP A 20 -9.01 -9.61 -10.73
C TRP A 20 -10.36 -10.14 -11.10
N PHE A 21 -10.99 -10.84 -10.18
CA PHE A 21 -12.34 -11.38 -10.40
C PHE A 21 -13.22 -11.02 -9.22
N ASP A 22 -14.51 -10.90 -9.52
CA ASP A 22 -15.57 -10.69 -8.48
C ASP A 22 -16.77 -11.58 -8.89
N ASN A 23 -17.15 -12.52 -8.03
CA ASN A 23 -17.87 -13.76 -8.44
C ASN A 23 -19.37 -13.70 -8.19
N PRO A 24 -20.18 -14.19 -9.11
CA PRO A 24 -21.55 -14.61 -8.66
C PRO A 24 -21.57 -15.72 -7.54
N ALA A 35 -15.41 -4.50 -2.02
CA ALA A 35 -14.37 -4.90 -1.11
C ALA A 35 -14.18 -6.46 -1.02
N SER A 36 -14.58 -7.22 -2.05
CA SER A 36 -14.38 -8.72 -2.12
C SER A 36 -13.85 -9.14 -3.52
N ILE A 37 -13.23 -8.18 -4.19
CA ILE A 37 -12.70 -8.38 -5.51
C ILE A 37 -11.34 -9.01 -5.35
N ARG A 38 -11.21 -10.33 -5.50
CA ARG A 38 -9.88 -11.00 -5.41
C ARG A 38 -8.99 -10.79 -6.69
N PRO A 39 -7.68 -10.49 -6.51
CA PRO A 39 -6.73 -10.74 -7.60
C PRO A 39 -6.54 -12.23 -7.86
N ILE A 40 -6.35 -12.65 -9.12
CA ILE A 40 -6.17 -14.05 -9.45
C ILE A 40 -4.89 -14.42 -10.26
N TYR A 41 -4.51 -13.66 -11.28
CA TYR A 41 -3.24 -13.87 -12.03
C TYR A 41 -2.59 -12.52 -12.40
N THR A 42 -1.27 -12.44 -12.21
CA THR A 42 -0.48 -11.28 -12.59
C THR A 42 0.41 -11.79 -13.61
N PHE A 43 0.47 -11.07 -14.71
CA PHE A 43 1.39 -11.39 -15.77
C PHE A 43 2.29 -10.24 -16.15
N SER A 44 3.44 -10.55 -16.73
CA SER A 44 4.36 -9.50 -17.20
C SER A 44 4.89 -9.70 -18.60
N THR A 45 4.53 -10.81 -19.23
CA THR A 45 5.05 -11.20 -20.54
C THR A 45 3.95 -11.69 -21.37
N VAL A 46 4.17 -11.70 -22.66
CA VAL A 46 3.17 -12.09 -23.64
C VAL A 46 2.76 -13.52 -23.36
N GLU A 47 3.76 -14.36 -23.12
CA GLU A 47 3.55 -15.74 -22.86
C GLU A 47 2.62 -15.88 -21.70
N GLU A 48 2.91 -15.14 -20.64
CA GLU A 48 2.15 -15.21 -19.41
C GLU A 48 0.71 -14.73 -19.65
N PHE A 49 0.52 -13.67 -20.44
CA PHE A 49 -0.81 -13.26 -20.81
C PHE A 49 -1.61 -14.39 -21.43
N TRP A 50 -1.07 -15.02 -22.45
CA TRP A 50 -1.86 -15.97 -23.16
C TRP A 50 -2.15 -17.15 -22.27
N SER A 51 -1.13 -17.57 -21.53
CA SER A 51 -1.32 -18.64 -20.56
C SER A 51 -2.56 -18.41 -19.64
N VAL A 52 -2.66 -17.20 -19.16
CA VAL A 52 -3.63 -16.83 -18.20
C VAL A 52 -4.96 -16.67 -18.93
N TYR A 53 -4.98 -16.02 -20.12
CA TYR A 53 -6.24 -15.74 -20.86
C TYR A 53 -6.92 -17.00 -21.33
N ASN A 54 -6.11 -17.97 -21.65
CA ASN A 54 -6.54 -19.33 -22.03
C ASN A 54 -6.93 -20.25 -20.88
N ASN A 55 -6.85 -19.80 -19.62
CA ASN A 55 -7.38 -20.57 -18.46
C ASN A 55 -8.44 -19.84 -17.65
N ILE A 56 -8.87 -18.70 -18.14
CA ILE A 56 -9.88 -17.91 -17.53
C ILE A 56 -10.96 -18.07 -18.52
N HIS A 57 -12.17 -18.05 -18.03
CA HIS A 57 -13.32 -18.13 -18.91
C HIS A 57 -13.47 -16.84 -19.69
N HIS A 58 -13.93 -16.97 -20.94
CA HIS A 58 -14.31 -15.80 -21.69
C HIS A 58 -15.67 -15.31 -21.21
N PRO A 59 -15.97 -14.03 -21.43
CA PRO A 59 -17.25 -13.49 -20.90
C PRO A 59 -18.52 -14.26 -21.29
N SER A 60 -18.54 -14.81 -22.49
CA SER A 60 -19.59 -15.70 -22.90
C SER A 60 -19.79 -16.96 -21.99
N LYS A 61 -18.78 -17.45 -21.29
CA LYS A 61 -18.97 -18.53 -20.31
C LYS A 61 -18.84 -18.11 -18.85
N LEU A 62 -18.80 -16.83 -18.56
CA LEU A 62 -18.85 -16.39 -17.16
C LEU A 62 -20.26 -16.40 -16.65
N ALA A 63 -20.38 -16.44 -15.34
CA ALA A 63 -21.65 -16.57 -14.64
C ALA A 63 -22.27 -15.22 -14.63
N MET A 64 -23.59 -15.16 -14.42
CA MET A 64 -24.27 -13.89 -14.36
C MET A 64 -23.78 -13.01 -13.22
N ARG A 65 -23.86 -11.72 -13.44
CA ARG A 65 -23.38 -10.71 -12.49
C ARG A 65 -21.86 -10.74 -12.16
N ALA A 66 -21.05 -11.49 -12.91
CA ALA A 66 -19.62 -11.54 -12.68
C ALA A 66 -18.93 -10.32 -13.25
N ASP A 67 -17.90 -9.85 -12.55
CA ASP A 67 -17.00 -8.82 -13.10
C ASP A 67 -15.60 -9.38 -13.20
N LEU A 68 -14.93 -9.17 -14.31
CA LEU A 68 -13.56 -9.59 -14.52
C LEU A 68 -12.69 -8.36 -14.83
N TYR A 69 -11.66 -8.08 -14.04
CA TYR A 69 -10.89 -6.89 -14.24
C TYR A 69 -9.50 -7.21 -14.74
N CYS A 70 -8.91 -6.32 -15.55
CA CYS A 70 -7.49 -6.43 -15.92
C CYS A 70 -6.80 -5.11 -15.81
N PHE A 71 -6.13 -4.85 -14.69
CA PHE A 71 -5.55 -3.56 -14.35
C PHE A 71 -4.04 -3.63 -14.27
N LYS A 72 -3.39 -2.51 -14.47
CA LYS A 72 -1.95 -2.39 -14.26
C LYS A 72 -1.63 -2.78 -12.83
N HIS A 73 -0.45 -3.33 -12.69
CA HIS A 73 0.00 -3.93 -11.46
C HIS A 73 0.11 -2.79 -10.50
N LYS A 74 -0.33 -3.04 -9.27
CA LYS A 74 -0.41 -2.04 -8.21
C LYS A 74 -1.48 -1.00 -8.40
N ILE A 75 -2.28 -1.02 -9.45
CA ILE A 75 -3.55 -0.32 -9.38
C ILE A 75 -4.67 -1.28 -8.96
N GLU A 76 -5.23 -1.02 -7.79
CA GLU A 76 -6.44 -1.74 -7.34
C GLU A 76 -7.66 -1.21 -8.08
N PRO A 77 -8.53 -2.10 -8.60
CA PRO A 77 -9.73 -1.68 -9.35
C PRO A 77 -10.89 -1.19 -8.48
N LYS A 78 -10.64 -0.04 -7.85
CA LYS A 78 -11.56 0.58 -6.92
C LYS A 78 -11.49 2.07 -7.15
N TRP A 79 -12.63 2.74 -7.17
CA TRP A 79 -12.65 4.23 -7.18
C TRP A 79 -11.80 4.86 -6.09
N GLU A 80 -11.58 4.15 -5.02
CA GLU A 80 -10.95 4.71 -3.86
C GLU A 80 -9.40 4.56 -4.01
N ASP A 81 -8.90 3.87 -5.03
CA ASP A 81 -7.47 3.75 -5.22
C ASP A 81 -6.94 5.13 -5.56
N PRO A 82 -5.78 5.52 -4.99
CA PRO A 82 -5.35 6.93 -5.26
C PRO A 82 -4.93 7.26 -6.72
N VAL A 83 -4.67 6.25 -7.54
CA VAL A 83 -4.40 6.45 -8.96
C VAL A 83 -5.71 6.60 -9.76
N CYS A 84 -6.74 5.91 -9.33
CA CYS A 84 -8.02 5.97 -10.01
C CYS A 84 -8.89 7.11 -9.54
N ALA A 85 -8.55 7.68 -8.39
CA ALA A 85 -9.52 8.51 -7.63
C ALA A 85 -10.14 9.66 -8.43
N ASN A 86 -9.31 10.34 -9.23
CA ASN A 86 -9.81 11.43 -10.02
C ASN A 86 -10.10 11.08 -11.46
N GLY A 87 -10.44 9.82 -11.68
CA GLY A 87 -10.52 9.27 -13.05
C GLY A 87 -11.94 8.93 -13.44
N GLY A 88 -12.07 8.05 -14.43
CA GLY A 88 -13.40 7.65 -14.86
C GLY A 88 -13.36 6.54 -15.83
N LYS A 89 -14.45 6.36 -16.56
CA LYS A 89 -14.51 5.20 -17.47
C LYS A 89 -15.29 5.41 -18.70
N TRP A 90 -14.69 5.02 -19.80
CA TRP A 90 -15.40 4.84 -21.06
C TRP A 90 -16.15 3.50 -21.00
N THR A 91 -17.43 3.45 -21.43
CA THR A 91 -18.11 2.16 -21.51
C THR A 91 -18.68 1.83 -22.87
N VAL A 92 -18.59 0.59 -23.27
CA VAL A 92 -19.35 0.08 -24.45
C VAL A 92 -20.29 -1.03 -23.96
N ASN A 93 -21.22 -1.37 -24.83
CA ASN A 93 -22.23 -2.41 -24.65
C ASN A 93 -22.16 -3.42 -25.75
N PHE A 94 -22.45 -4.68 -25.46
CA PHE A 94 -22.55 -5.73 -26.46
C PHE A 94 -23.67 -6.57 -26.01
N PRO A 95 -24.28 -7.33 -26.93
CA PRO A 95 -25.23 -8.33 -26.47
C PRO A 95 -24.64 -9.39 -25.49
N ARG A 96 -25.45 -9.83 -24.55
CA ARG A 96 -25.13 -10.95 -23.72
C ARG A 96 -24.58 -12.07 -24.59
N GLY A 97 -23.31 -12.41 -24.35
CA GLY A 97 -22.67 -13.54 -25.00
C GLY A 97 -21.91 -13.17 -26.23
N LYS A 98 -21.97 -11.91 -26.64
CA LYS A 98 -21.31 -11.48 -27.85
C LYS A 98 -20.28 -10.44 -27.50
N SER A 99 -19.52 -10.62 -26.45
CA SER A 99 -18.57 -9.56 -26.01
C SER A 99 -17.14 -10.09 -25.97
N ASP A 100 -16.89 -11.28 -26.51
CA ASP A 100 -15.61 -11.94 -26.26
C ASP A 100 -14.49 -11.25 -27.05
N ASN A 101 -14.80 -10.85 -28.27
CA ASN A 101 -13.84 -10.17 -29.17
C ASN A 101 -13.54 -8.80 -28.68
N GLY A 102 -14.54 -8.06 -28.28
CA GLY A 102 -14.33 -6.75 -27.69
C GLY A 102 -13.42 -6.81 -26.50
N TRP A 103 -13.66 -7.74 -25.59
CA TRP A 103 -12.78 -7.94 -24.44
C TRP A 103 -11.34 -8.20 -24.88
N LEU A 104 -11.16 -9.07 -25.85
CA LEU A 104 -9.87 -9.42 -26.27
C LEU A 104 -9.18 -8.23 -26.88
N TYR A 105 -9.85 -7.57 -27.82
CA TYR A 105 -9.25 -6.48 -28.56
C TYR A 105 -8.87 -5.38 -27.53
N THR A 106 -9.69 -5.22 -26.51
CA THR A 106 -9.41 -4.29 -25.43
C THR A 106 -8.15 -4.63 -24.63
N LEU A 107 -8.01 -5.91 -24.28
CA LEU A 107 -6.85 -6.39 -23.52
C LEU A 107 -5.61 -6.14 -24.37
N LEU A 108 -5.65 -6.59 -25.63
CA LEU A 108 -4.51 -6.44 -26.53
C LEU A 108 -4.17 -4.99 -26.73
N ALA A 109 -5.16 -4.12 -26.86
CA ALA A 109 -4.84 -2.73 -26.98
C ALA A 109 -4.09 -2.13 -25.73
N MET A 110 -4.49 -2.53 -24.55
CA MET A 110 -3.88 -2.05 -23.32
C MET A 110 -2.52 -2.65 -23.12
N ILE A 111 -2.39 -3.96 -23.08
CA ILE A 111 -1.11 -4.56 -22.63
C ILE A 111 0.02 -4.29 -23.65
N GLY A 112 -0.40 -4.13 -24.89
CA GLY A 112 0.42 -3.78 -26.05
C GLY A 112 0.78 -2.32 -26.12
N GLU A 113 0.33 -1.49 -25.18
CA GLU A 113 0.53 -0.05 -25.21
C GLU A 113 0.18 0.56 -26.56
N GLN A 114 -1.01 0.29 -27.05
CA GLN A 114 -1.42 0.79 -28.35
C GLN A 114 -2.17 2.11 -28.27
N PHE A 115 -2.52 2.57 -27.08
CA PHE A 115 -3.26 3.83 -27.01
C PHE A 115 -2.32 5.00 -27.07
N ASP A 116 -2.65 6.05 -27.80
CA ASP A 116 -1.81 7.22 -27.85
C ASP A 116 -1.58 7.81 -26.45
N CYS A 117 -2.65 8.00 -25.72
CA CYS A 117 -2.65 8.54 -24.42
C CYS A 117 -2.76 7.43 -23.38
N GLY A 118 -1.86 6.43 -23.54
CA GLY A 118 -1.89 5.24 -22.73
C GLY A 118 -1.43 5.42 -21.29
N ASP A 119 -0.78 6.54 -21.06
CA ASP A 119 -0.43 6.92 -19.74
C ASP A 119 -1.61 7.01 -18.85
N GLU A 120 -2.70 7.53 -19.37
CA GLU A 120 -3.93 7.76 -18.62
C GLU A 120 -4.69 6.43 -18.30
N ILE A 121 -4.38 5.33 -18.97
CA ILE A 121 -5.06 4.06 -18.80
C ILE A 121 -4.73 3.28 -17.54
N CYS A 122 -5.79 2.98 -16.76
CA CYS A 122 -5.65 2.20 -15.52
C CYS A 122 -5.81 0.70 -15.73
N GLY A 123 -6.91 0.34 -16.37
CA GLY A 123 -7.18 -1.04 -16.76
C GLY A 123 -8.56 -1.11 -17.43
N ALA A 124 -9.11 -2.32 -17.49
CA ALA A 124 -10.38 -2.55 -18.11
C ALA A 124 -11.14 -3.61 -17.35
N VAL A 125 -12.45 -3.62 -17.58
CA VAL A 125 -13.39 -4.49 -16.88
C VAL A 125 -14.52 -4.95 -17.79
N VAL A 126 -14.85 -6.25 -17.74
CA VAL A 126 -16.02 -6.77 -18.41
C VAL A 126 -17.04 -7.21 -17.37
N ASN A 127 -18.22 -6.59 -17.48
CA ASN A 127 -19.34 -6.83 -16.60
C ASN A 127 -20.38 -7.71 -17.34
N VAL A 128 -20.54 -8.93 -16.87
CA VAL A 128 -21.50 -9.87 -17.45
C VAL A 128 -22.87 -9.70 -16.80
N ARG A 129 -23.87 -9.33 -17.59
CA ARG A 129 -25.20 -9.09 -17.08
C ARG A 129 -26.22 -9.76 -18.00
N SER A 130 -27.37 -10.13 -17.47
CA SER A 130 -28.44 -10.64 -18.36
C SER A 130 -28.82 -9.47 -19.32
N GLY A 131 -29.12 -9.76 -20.58
CA GLY A 131 -29.46 -8.69 -21.53
C GLY A 131 -28.26 -8.13 -22.25
N GLN A 132 -27.49 -7.20 -21.61
CA GLN A 132 -26.24 -6.62 -22.17
C GLN A 132 -24.98 -7.03 -21.43
N ASP A 133 -23.83 -7.08 -22.12
CA ASP A 133 -22.52 -7.09 -21.47
C ASP A 133 -21.97 -5.70 -21.59
N LYS A 134 -21.21 -5.28 -20.61
CA LYS A 134 -20.53 -3.99 -20.67
C LYS A 134 -19.03 -4.24 -20.57
N ILE A 135 -18.25 -3.52 -21.35
CA ILE A 135 -16.82 -3.40 -21.08
C ILE A 135 -16.53 -1.91 -20.87
N SER A 136 -15.85 -1.60 -19.78
CA SER A 136 -15.34 -0.29 -19.55
C SER A 136 -13.80 -0.26 -19.52
N ILE A 137 -13.20 0.81 -20.07
CA ILE A 137 -11.82 1.14 -19.74
C ILE A 137 -11.80 2.18 -18.68
N TRP A 138 -11.07 1.97 -17.57
CA TRP A 138 -10.88 2.99 -16.50
C TRP A 138 -9.64 3.85 -16.77
N THR A 139 -9.76 5.15 -16.70
CA THR A 139 -8.58 6.09 -16.87
C THR A 139 -8.42 6.98 -15.62
N LYS A 140 -7.36 7.75 -15.61
CA LYS A 140 -7.06 8.71 -14.56
C LYS A 140 -7.26 10.10 -15.18
N ASN A 141 -7.32 11.15 -14.39
CA ASN A 141 -7.46 12.52 -14.93
C ASN A 141 -8.70 12.75 -15.75
N ALA A 142 -9.85 12.46 -15.17
CA ALA A 142 -11.13 12.63 -15.84
C ALA A 142 -11.34 14.03 -16.39
N SER A 143 -10.84 15.03 -15.71
CA SER A 143 -10.99 16.39 -16.21
C SER A 143 -10.14 16.79 -17.46
N ASN A 144 -9.32 15.88 -17.98
CA ASN A 144 -8.54 16.14 -19.18
C ASN A 144 -9.30 15.66 -20.39
N GLU A 145 -10.24 16.45 -20.85
CA GLU A 145 -11.09 16.07 -21.95
C GLU A 145 -10.39 15.67 -23.20
N ALA A 146 -9.43 16.48 -23.61
CA ALA A 146 -8.60 16.13 -24.82
C ALA A 146 -8.05 14.66 -24.75
N ALA A 147 -7.46 14.31 -23.62
CA ALA A 147 -6.97 12.97 -23.45
C ALA A 147 -8.07 11.91 -23.47
N GLN A 148 -9.13 12.15 -22.72
CA GLN A 148 -10.17 11.17 -22.57
C GLN A 148 -10.85 10.91 -23.94
N ALA A 149 -11.09 11.97 -24.70
CA ALA A 149 -11.66 11.86 -26.03
C ALA A 149 -10.78 11.08 -26.98
N SER A 150 -9.45 11.28 -26.88
CA SER A 150 -8.48 10.50 -27.67
C SER A 150 -8.66 9.03 -27.44
N ILE A 151 -8.69 8.67 -26.16
CA ILE A 151 -8.77 7.30 -25.76
C ILE A 151 -10.11 6.67 -26.25
N GLY A 152 -11.21 7.37 -26.04
CA GLY A 152 -12.50 6.87 -26.40
C GLY A 152 -12.69 6.67 -27.87
N LYS A 153 -12.18 7.64 -28.66
CA LYS A 153 -12.29 7.55 -30.10
C LYS A 153 -11.54 6.38 -30.55
N GLN A 154 -10.32 6.31 -30.09
CA GLN A 154 -9.41 5.27 -30.48
C GLN A 154 -9.87 3.84 -30.10
N TRP A 155 -10.52 3.73 -28.96
CA TRP A 155 -11.10 2.49 -28.55
C TRP A 155 -12.22 2.07 -29.50
N LYS A 156 -13.07 3.01 -29.81
CA LYS A 156 -14.05 2.81 -30.84
C LYS A 156 -13.44 2.28 -32.13
N GLU A 157 -12.32 2.83 -32.56
CA GLU A 157 -11.62 2.45 -33.80
C GLU A 157 -11.07 1.04 -33.72
N PHE A 158 -10.42 0.73 -32.61
CA PHE A 158 -9.98 -0.65 -32.30
C PHE A 158 -11.09 -1.67 -32.35
N LEU A 159 -12.25 -1.32 -31.78
CA LEU A 159 -13.34 -2.23 -31.72
C LEU A 159 -14.20 -2.30 -32.94
N ASP A 160 -14.05 -1.38 -33.89
CA ASP A 160 -15.04 -1.28 -35.00
C ASP A 160 -16.46 -1.02 -34.42
N TYR A 161 -16.55 -0.24 -33.35
CA TYR A 161 -17.80 0.10 -32.70
C TYR A 161 -18.47 1.26 -33.39
N ASN A 162 -19.77 1.19 -33.59
CA ASN A 162 -20.43 2.15 -34.45
C ASN A 162 -21.52 2.91 -33.76
N GLU A 163 -21.36 3.11 -32.46
CA GLU A 163 -22.32 3.79 -31.63
C GLU A 163 -21.63 4.72 -30.67
N SER A 164 -22.36 5.60 -30.05
CA SER A 164 -21.75 6.58 -29.15
C SER A 164 -21.32 5.90 -27.86
N ILE A 165 -20.26 6.40 -27.30
CA ILE A 165 -19.87 5.89 -26.01
C ILE A 165 -19.72 7.06 -25.09
N GLY A 166 -19.76 6.76 -23.80
CA GLY A 166 -19.77 7.78 -22.78
C GLY A 166 -18.76 7.52 -21.75
N PHE A 167 -18.57 8.53 -20.94
CA PHE A 167 -17.45 8.52 -19.98
C PHE A 167 -18.01 9.05 -18.76
N ILE A 168 -17.76 8.33 -17.65
CA ILE A 168 -18.35 8.68 -16.36
C ILE A 168 -17.29 8.85 -15.33
N PHE A 169 -17.24 10.01 -14.73
CA PHE A 169 -16.33 10.27 -13.67
C PHE A 169 -16.67 9.34 -12.51
N HIS A 170 -15.65 8.73 -11.95
CA HIS A 170 -15.79 7.95 -10.72
C HIS A 170 -16.38 8.77 -9.62
N ASP A 171 -16.07 10.06 -9.54
CA ASP A 171 -16.70 10.89 -8.55
C ASP A 171 -18.21 10.97 -8.75
N ASP A 172 -18.67 11.02 -9.98
CA ASP A 172 -20.11 11.05 -10.24
C ASP A 172 -20.79 9.71 -9.91
N ALA A 173 -20.08 8.62 -10.19
CA ALA A 173 -20.56 7.27 -9.93
C ALA A 173 -20.77 7.02 -8.44
N LYS A 174 -19.76 7.38 -7.66
CA LYS A 174 -19.78 7.30 -6.19
C LYS A 174 -20.95 8.06 -5.56
N LYS A 175 -21.10 9.32 -5.97
CA LYS A 175 -22.17 10.17 -5.57
C LYS A 175 -23.53 9.66 -6.06
N PHE A 176 -23.66 9.38 -7.37
CA PHE A 176 -24.99 9.16 -8.00
C PHE A 176 -25.18 7.75 -8.56
N ASP A 177 -24.66 6.75 -7.86
CA ASP A 177 -24.91 5.33 -8.19
C ASP A 177 -25.51 5.01 -9.59
N ARG A 178 -26.76 4.54 -9.63
CA ARG A 178 -27.55 4.32 -10.89
C ARG A 178 -27.49 5.54 -11.85
N HIS A 179 -27.65 6.73 -11.25
CA HIS A 179 -28.11 7.97 -11.88
C HIS A 179 -26.96 8.85 -12.46
N ALA A 180 -25.71 8.39 -12.48
CA ALA A 180 -24.60 9.20 -12.97
C ALA A 180 -24.65 9.46 -14.49
N LYS A 181 -24.45 10.69 -14.92
CA LYS A 181 -24.54 10.95 -16.33
C LYS A 181 -23.15 10.89 -16.91
N ASN A 182 -23.08 10.58 -18.21
CA ASN A 182 -21.89 10.72 -18.99
C ASN A 182 -21.49 12.18 -19.14
N LYS A 183 -20.22 12.47 -18.94
CA LYS A 183 -19.74 13.82 -19.01
C LYS A 183 -19.21 14.12 -20.42
N TYR A 184 -18.60 13.15 -21.09
CA TYR A 184 -18.13 13.27 -22.44
C TYR A 184 -18.77 12.15 -23.22
N MET A 185 -18.84 12.36 -24.52
CA MET A 185 -19.30 11.35 -25.45
C MET A 185 -18.60 11.44 -26.76
N VAL A 186 -18.27 10.25 -27.28
CA VAL A 186 -17.57 10.14 -28.51
C VAL A 186 -18.21 9.12 -29.48
N ALA B 4 45.13 -16.49 3.91
CA ALA B 4 43.91 -16.05 4.68
C ALA B 4 42.54 -16.76 4.42
N SER B 5 41.76 -16.35 3.41
CA SER B 5 40.28 -16.59 3.40
C SER B 5 39.81 -18.03 3.05
N LEU B 6 40.70 -18.90 2.53
CA LEU B 6 40.47 -20.37 2.33
C LEU B 6 39.68 -21.08 3.45
N VAL B 7 39.92 -20.64 4.68
CA VAL B 7 39.52 -21.34 5.88
C VAL B 7 38.21 -20.98 6.52
N HIS B 8 37.54 -19.91 6.10
CA HIS B 8 36.28 -19.65 6.71
C HIS B 8 35.28 -19.30 5.65
N GLN B 9 34.99 -20.30 4.85
CA GLN B 9 34.13 -20.08 3.71
C GLN B 9 32.65 -20.18 4.07
N PRO B 10 31.83 -19.21 3.62
CA PRO B 10 30.42 -19.29 3.83
C PRO B 10 29.93 -20.48 3.03
N HIS B 11 28.83 -21.13 3.46
CA HIS B 11 28.37 -22.36 2.85
C HIS B 11 27.16 -21.95 2.06
N PRO B 12 27.28 -21.96 0.72
CA PRO B 12 26.21 -21.54 -0.15
C PRO B 12 25.06 -22.53 -0.25
N LEU B 13 23.84 -22.01 -0.27
CA LEU B 13 22.58 -22.78 -0.47
C LEU B 13 22.32 -23.09 -1.92
N GLU B 14 21.49 -24.09 -2.18
CA GLU B 14 21.15 -24.45 -3.53
C GLU B 14 20.39 -23.31 -4.22
N HIS B 15 19.44 -22.69 -3.52
CA HIS B 15 18.70 -21.51 -3.98
C HIS B 15 18.86 -20.36 -3.02
N SER B 16 18.47 -19.18 -3.48
CA SER B 16 18.39 -17.99 -2.65
C SER B 16 16.93 -17.85 -2.21
N TRP B 17 16.75 -17.27 -1.04
CA TRP B 17 15.45 -17.24 -0.47
C TRP B 17 15.20 -15.82 0.03
N THR B 18 13.94 -15.35 -0.06
CA THR B 18 13.54 -14.07 0.41
C THR B 18 12.47 -14.28 1.51
N PHE B 19 12.73 -13.72 2.70
CA PHE B 19 11.74 -13.53 3.75
C PHE B 19 10.92 -12.32 3.42
N TRP B 20 9.60 -12.42 3.61
CA TRP B 20 8.64 -11.33 3.39
C TRP B 20 7.76 -11.25 4.59
N PHE B 21 7.25 -10.07 4.91
CA PHE B 21 6.44 -9.89 6.11
C PHE B 21 5.21 -9.11 5.70
N ASP B 22 4.11 -9.38 6.40
CA ASP B 22 2.82 -8.77 6.19
C ASP B 22 2.12 -8.57 7.52
N ASN B 23 1.48 -7.44 7.62
CA ASN B 23 1.47 -6.69 8.83
C ASN B 23 0.07 -6.28 9.17
N PRO B 24 -0.30 -6.40 10.45
CA PRO B 24 -1.56 -5.72 10.76
C PRO B 24 -1.78 -4.19 10.20
N SER B 25 -0.84 -3.59 9.42
CA SER B 25 -1.16 -2.54 8.35
C SER B 25 -1.84 -1.26 8.80
N SER B 36 0.53 -4.77 0.40
CA SER B 36 0.84 -4.91 1.82
C SER B 36 2.06 -5.80 2.18
N ILE B 37 2.51 -6.71 1.32
CA ILE B 37 3.52 -7.71 1.74
C ILE B 37 4.95 -7.22 1.42
N ARG B 38 5.68 -6.64 2.37
CA ARG B 38 7.07 -6.20 2.08
C ARG B 38 8.10 -7.38 2.09
N PRO B 39 9.04 -7.43 1.12
CA PRO B 39 10.22 -8.28 1.32
C PRO B 39 11.14 -7.59 2.32
N ILE B 40 11.85 -8.40 3.12
CA ILE B 40 12.72 -7.85 4.14
C ILE B 40 14.18 -8.23 3.97
N TYR B 41 14.44 -9.43 3.54
CA TYR B 41 15.79 -9.81 3.18
C TYR B 41 15.82 -11.08 2.32
N THR B 42 16.91 -11.14 1.53
CA THR B 42 17.27 -12.27 0.74
C THR B 42 18.60 -12.82 1.11
N PHE B 43 18.67 -14.15 1.28
CA PHE B 43 19.87 -14.86 1.68
C PHE B 43 20.24 -15.94 0.71
N SER B 44 21.53 -16.23 0.61
CA SER B 44 22.01 -17.24 -0.32
C SER B 44 23.00 -18.23 0.29
N THR B 45 23.33 -18.05 1.56
CA THR B 45 24.21 -18.93 2.33
C THR B 45 23.60 -19.24 3.67
N VAL B 46 24.08 -20.30 4.27
CA VAL B 46 23.66 -20.70 5.66
C VAL B 46 23.91 -19.59 6.67
N GLU B 47 25.07 -19.01 6.59
CA GLU B 47 25.44 -17.90 7.47
C GLU B 47 24.46 -16.79 7.35
N GLU B 48 24.09 -16.46 6.10
CA GLU B 48 23.12 -15.41 5.80
C GLU B 48 21.73 -15.75 6.36
N PHE B 49 21.32 -16.98 6.26
CA PHE B 49 20.04 -17.41 6.86
C PHE B 49 19.98 -17.16 8.35
N TRP B 50 20.98 -17.62 9.05
CA TRP B 50 20.96 -17.52 10.51
C TRP B 50 20.96 -16.03 10.89
N SER B 51 21.77 -15.24 10.19
CA SER B 51 21.83 -13.82 10.40
C SER B 51 20.47 -13.17 10.41
N VAL B 52 19.70 -13.47 9.39
CA VAL B 52 18.33 -12.93 9.34
C VAL B 52 17.38 -13.62 10.38
N TYR B 53 17.44 -14.96 10.55
CA TYR B 53 16.43 -15.72 11.40
C TYR B 53 16.49 -15.29 12.86
N ASN B 54 17.73 -15.02 13.27
CA ASN B 54 18.04 -14.70 14.65
C ASN B 54 17.73 -13.26 15.02
N ASN B 55 17.35 -12.43 14.03
CA ASN B 55 16.97 -11.08 14.30
C ASN B 55 15.56 -10.69 13.84
N ILE B 56 14.72 -11.67 13.54
CA ILE B 56 13.32 -11.41 13.27
C ILE B 56 12.61 -12.27 14.26
N HIS B 57 11.42 -11.86 14.61
CA HIS B 57 10.60 -12.52 15.60
C HIS B 57 10.14 -13.89 15.12
N HIS B 58 10.12 -14.79 16.07
CA HIS B 58 9.55 -16.07 15.87
C HIS B 58 8.04 -15.91 16.03
N PRO B 59 7.25 -16.80 15.41
CA PRO B 59 5.80 -16.72 15.46
C PRO B 59 5.17 -16.51 16.83
N SER B 60 5.73 -17.13 17.85
CA SER B 60 5.28 -16.93 19.23
C SER B 60 5.34 -15.50 19.73
N LYS B 61 6.25 -14.68 19.19
CA LYS B 61 6.28 -13.22 19.49
C LYS B 61 5.82 -12.31 18.34
N LEU B 62 5.26 -12.85 17.27
CA LEU B 62 4.58 -12.05 16.25
C LEU B 62 3.21 -11.65 16.72
N ALA B 63 2.71 -10.58 16.11
CA ALA B 63 1.45 -9.92 16.54
C ALA B 63 0.36 -10.71 15.90
N MET B 64 -0.86 -10.56 16.40
CA MET B 64 -2.01 -11.21 15.76
C MET B 64 -2.24 -10.80 14.30
N ARG B 65 -2.77 -11.74 13.54
CA ARG B 65 -3.00 -11.56 12.12
C ARG B 65 -1.78 -11.30 11.24
N ALA B 66 -0.58 -11.48 11.76
CA ALA B 66 0.65 -11.35 10.95
C ALA B 66 0.93 -12.58 10.11
N ASP B 67 1.54 -12.37 8.94
CA ASP B 67 2.05 -13.47 8.11
C ASP B 67 3.51 -13.25 7.81
N LEU B 68 4.29 -14.32 7.87
CA LEU B 68 5.70 -14.28 7.62
C LEU B 68 5.96 -15.29 6.57
N TYR B 69 6.55 -14.86 5.48
CA TYR B 69 6.81 -15.75 4.35
C TYR B 69 8.30 -16.01 4.13
N CYS B 70 8.68 -17.23 3.68
CA CYS B 70 10.00 -17.46 3.21
C CYS B 70 9.97 -18.23 1.91
N PHE B 71 10.19 -17.55 0.78
CA PHE B 71 9.94 -18.10 -0.54
C PHE B 71 11.24 -18.04 -1.31
N LYS B 72 11.34 -18.84 -2.35
CA LYS B 72 12.48 -18.77 -3.21
C LYS B 72 12.54 -17.40 -3.84
N HIS B 73 13.78 -17.03 -4.14
CA HIS B 73 14.13 -15.74 -4.67
C HIS B 73 13.44 -15.63 -6.00
N LYS B 74 12.88 -14.45 -6.20
CA LYS B 74 12.08 -14.10 -7.36
C LYS B 74 10.65 -14.60 -7.36
N ILE B 75 10.22 -15.40 -6.39
CA ILE B 75 8.80 -15.79 -6.36
C ILE B 75 8.13 -14.89 -5.36
N GLU B 76 7.18 -14.07 -5.85
CA GLU B 76 6.28 -13.34 -4.95
C GLU B 76 5.27 -14.27 -4.31
N PRO B 77 5.11 -14.24 -2.97
CA PRO B 77 4.19 -15.08 -2.25
C PRO B 77 2.73 -14.60 -2.40
N LYS B 78 2.21 -14.76 -3.62
CA LYS B 78 0.88 -14.42 -3.93
C LYS B 78 0.37 -15.51 -4.82
N TRP B 79 -0.88 -15.92 -4.59
CA TRP B 79 -1.51 -16.87 -5.48
C TRP B 79 -1.66 -16.38 -6.94
N GLU B 80 -1.49 -15.08 -7.15
CA GLU B 80 -1.52 -14.55 -8.46
C GLU B 80 -0.16 -14.62 -9.20
N ASP B 81 0.92 -14.97 -8.50
CA ASP B 81 2.24 -14.97 -9.13
C ASP B 81 2.24 -16.10 -10.17
N PRO B 82 2.83 -15.84 -11.36
CA PRO B 82 2.66 -16.91 -12.39
C PRO B 82 3.42 -18.23 -12.11
N VAL B 83 4.39 -18.23 -11.17
CA VAL B 83 5.04 -19.47 -10.76
C VAL B 83 4.19 -20.25 -9.74
N CYS B 84 3.47 -19.54 -8.89
CA CYS B 84 2.54 -20.14 -7.92
C CYS B 84 1.16 -20.55 -8.46
N ALA B 85 0.77 -20.00 -9.57
CA ALA B 85 -0.67 -19.95 -9.94
C ALA B 85 -1.34 -21.31 -10.01
N ASN B 86 -0.59 -22.29 -10.48
CA ASN B 86 -1.14 -23.58 -10.79
C ASN B 86 -0.69 -24.56 -9.72
N GLY B 87 -0.33 -24.00 -8.57
CA GLY B 87 0.06 -24.76 -7.48
C GLY B 87 -0.96 -24.86 -6.37
N GLY B 88 -0.48 -25.04 -5.17
CA GLY B 88 -1.37 -25.06 -4.05
C GLY B 88 -0.64 -25.04 -2.72
N LYS B 89 -1.30 -25.50 -1.63
CA LYS B 89 -0.65 -25.58 -0.37
C LYS B 89 -1.02 -26.72 0.53
N TRP B 90 0.01 -27.34 1.08
CA TRP B 90 -0.13 -28.19 2.24
C TRP B 90 -0.25 -27.33 3.49
N THR B 91 -1.13 -27.67 4.42
CA THR B 91 -1.25 -26.87 5.67
C THR B 91 -1.24 -27.73 6.93
N VAL B 92 -0.54 -27.26 7.95
CA VAL B 92 -0.59 -27.84 9.30
C VAL B 92 -0.99 -26.72 10.23
N ASN B 93 -1.48 -27.13 11.39
CA ASN B 93 -1.75 -26.16 12.40
C ASN B 93 -1.29 -26.59 13.74
N PHE B 94 -1.10 -25.57 14.57
CA PHE B 94 -0.50 -25.71 15.86
C PHE B 94 -1.26 -24.82 16.76
N PRO B 95 -1.21 -25.09 18.06
CA PRO B 95 -1.78 -24.10 18.99
C PRO B 95 -1.13 -22.71 18.92
N ARG B 96 -1.91 -21.68 19.15
CA ARG B 96 -1.36 -20.32 19.20
C ARG B 96 -0.20 -20.35 20.17
N GLY B 97 0.98 -20.02 19.67
CA GLY B 97 2.16 -19.86 20.48
C GLY B 97 3.07 -21.05 20.44
N LYS B 98 2.58 -22.10 19.84
CA LYS B 98 3.25 -23.34 19.81
C LYS B 98 3.50 -23.72 18.38
N SER B 99 3.94 -22.78 17.57
CA SER B 99 4.38 -23.08 16.19
C SER B 99 5.85 -22.77 15.87
N ASP B 100 6.69 -22.46 16.85
CA ASP B 100 8.06 -22.04 16.54
C ASP B 100 8.97 -23.13 15.98
N ASN B 101 8.90 -24.33 16.55
CA ASN B 101 9.71 -25.43 16.11
C ASN B 101 9.28 -25.89 14.74
N GLY B 102 7.96 -26.01 14.53
CA GLY B 102 7.44 -26.33 13.19
C GLY B 102 7.96 -25.41 12.11
N TRP B 103 7.87 -24.13 12.34
CA TRP B 103 8.35 -23.15 11.40
C TRP B 103 9.77 -23.40 11.10
N LEU B 104 10.56 -23.56 12.14
CA LEU B 104 12.01 -23.68 11.99
C LEU B 104 12.32 -24.90 11.20
N TYR B 105 11.74 -26.03 11.59
CA TYR B 105 11.99 -27.30 10.90
C TYR B 105 11.63 -27.22 9.44
N THR B 106 10.52 -26.58 9.14
CA THR B 106 10.07 -26.31 7.79
C THR B 106 11.10 -25.46 7.03
N LEU B 107 11.59 -24.36 7.62
CA LEU B 107 12.61 -23.55 6.94
C LEU B 107 13.86 -24.35 6.65
N LEU B 108 14.38 -25.00 7.67
CA LEU B 108 15.53 -25.85 7.49
C LEU B 108 15.32 -26.94 6.43
N ALA B 109 14.18 -27.55 6.38
CA ALA B 109 13.94 -28.59 5.41
C ALA B 109 13.91 -28.03 3.99
N MET B 110 13.34 -26.83 3.79
CA MET B 110 13.34 -26.21 2.45
C MET B 110 14.73 -25.77 2.09
N ILE B 111 15.41 -24.95 2.91
CA ILE B 111 16.61 -24.25 2.39
C ILE B 111 17.74 -25.24 2.20
N GLY B 112 17.69 -26.29 3.03
CA GLY B 112 18.56 -27.42 2.94
C GLY B 112 18.27 -28.40 1.84
N GLU B 113 17.21 -28.17 1.03
CA GLU B 113 16.81 -29.10 0.01
C GLU B 113 16.60 -30.57 0.52
N GLN B 114 15.90 -30.73 1.61
CA GLN B 114 15.74 -32.03 2.22
C GLN B 114 14.53 -32.72 1.73
N PHE B 115 13.64 -32.04 1.03
CA PHE B 115 12.50 -32.74 0.42
C PHE B 115 12.89 -33.45 -0.84
N ASP B 116 12.41 -34.68 -0.99
CA ASP B 116 12.60 -35.41 -2.22
C ASP B 116 12.14 -34.68 -3.47
N CYS B 117 10.93 -34.13 -3.47
CA CYS B 117 10.45 -33.44 -4.64
C CYS B 117 10.47 -31.95 -4.44
N GLY B 118 11.57 -31.43 -3.87
CA GLY B 118 11.66 -30.04 -3.39
C GLY B 118 11.77 -29.03 -4.51
N ASP B 119 11.94 -29.50 -5.74
CA ASP B 119 11.92 -28.58 -6.85
C ASP B 119 10.54 -27.93 -7.01
N GLU B 120 9.51 -28.62 -6.55
CA GLU B 120 8.14 -28.16 -6.56
C GLU B 120 7.83 -27.13 -5.52
N ILE B 121 8.66 -27.03 -4.49
CA ILE B 121 8.35 -26.14 -3.35
C ILE B 121 8.63 -24.72 -3.68
N CYS B 122 7.63 -23.84 -3.50
CA CYS B 122 7.76 -22.39 -3.79
C CYS B 122 8.31 -21.63 -2.58
N GLY B 123 7.67 -21.86 -1.44
CA GLY B 123 8.13 -21.37 -0.15
C GLY B 123 7.14 -21.85 0.92
N ALA B 124 7.21 -21.12 2.05
CA ALA B 124 6.39 -21.44 3.19
C ALA B 124 6.01 -20.16 3.85
N VAL B 125 4.95 -20.27 4.62
CA VAL B 125 4.38 -19.16 5.34
C VAL B 125 3.85 -19.66 6.71
N VAL B 126 4.05 -18.83 7.74
CA VAL B 126 3.39 -18.98 8.99
C VAL B 126 2.37 -17.85 9.23
N ASN B 127 1.13 -18.23 9.55
CA ASN B 127 -0.01 -17.36 9.74
C ASN B 127 -0.36 -17.39 11.20
N VAL B 128 -0.11 -16.29 11.89
CA VAL B 128 -0.35 -16.19 13.31
C VAL B 128 -1.77 -15.69 13.49
N ARG B 129 -2.58 -16.51 14.14
CA ARG B 129 -4.03 -16.19 14.35
C ARG B 129 -4.43 -16.49 15.78
N SER B 130 -5.44 -15.79 16.32
CA SER B 130 -5.95 -16.10 17.64
C SER B 130 -6.41 -17.57 17.60
N GLY B 131 -6.17 -18.33 18.66
CA GLY B 131 -6.64 -19.72 18.68
C GLY B 131 -5.67 -20.71 18.08
N GLN B 132 -5.55 -20.82 16.75
CA GLN B 132 -4.55 -21.68 16.05
C GLN B 132 -3.46 -20.88 15.29
N ASP B 133 -2.29 -21.45 15.08
CA ASP B 133 -1.34 -20.94 14.07
C ASP B 133 -1.36 -21.92 12.92
N LYS B 134 -1.09 -21.45 11.71
CA LYS B 134 -1.05 -22.32 10.57
C LYS B 134 0.32 -22.13 9.92
N ILE B 135 0.91 -23.19 9.43
CA ILE B 135 2.00 -23.11 8.51
C ILE B 135 1.56 -23.86 7.25
N SER B 136 1.83 -23.27 6.10
CA SER B 136 1.59 -23.88 4.87
C SER B 136 2.88 -23.96 4.09
N ILE B 137 3.09 -25.07 3.37
CA ILE B 137 4.02 -25.09 2.26
C ILE B 137 3.29 -24.88 0.93
N TRP B 138 3.70 -23.90 0.11
CA TRP B 138 3.12 -23.60 -1.21
C TRP B 138 3.95 -24.25 -2.27
N THR B 139 3.33 -24.99 -3.18
CA THR B 139 4.06 -25.70 -4.23
C THR B 139 3.49 -25.26 -5.56
N LYS B 140 4.14 -25.67 -6.64
CA LYS B 140 3.71 -25.45 -8.01
C LYS B 140 3.29 -26.82 -8.53
N ASN B 141 2.64 -26.88 -9.66
CA ASN B 141 2.17 -28.17 -10.24
C ASN B 141 1.30 -29.01 -9.36
N ALA B 142 0.22 -28.39 -8.92
CA ALA B 142 -0.78 -29.03 -8.11
C ALA B 142 -1.27 -30.36 -8.67
N SER B 143 -1.34 -30.50 -9.98
CA SER B 143 -1.88 -31.72 -10.55
C SER B 143 -0.89 -32.88 -10.60
N ASN B 144 0.34 -32.70 -10.13
CA ASN B 144 1.28 -33.84 -9.99
C ASN B 144 1.12 -34.54 -8.65
N GLU B 145 0.17 -35.46 -8.56
CA GLU B 145 -0.18 -36.02 -7.23
C GLU B 145 1.02 -36.71 -6.50
N ALA B 146 1.72 -37.57 -7.23
CA ALA B 146 2.84 -38.31 -6.68
C ALA B 146 3.85 -37.33 -6.00
N ALA B 147 4.14 -36.19 -6.65
CA ALA B 147 5.04 -35.16 -6.07
C ALA B 147 4.44 -34.49 -4.87
N GLN B 148 3.18 -34.07 -4.96
CA GLN B 148 2.58 -33.35 -3.87
C GLN B 148 2.46 -34.27 -2.63
N ALA B 149 2.08 -35.52 -2.88
CA ALA B 149 1.95 -36.48 -1.80
C ALA B 149 3.32 -36.72 -1.09
N SER B 150 4.40 -36.81 -1.88
CA SER B 150 5.71 -36.99 -1.36
C SER B 150 6.03 -35.89 -0.40
N ILE B 151 5.72 -34.68 -0.79
CA ILE B 151 6.10 -33.52 -0.02
C ILE B 151 5.37 -33.50 1.31
N GLY B 152 4.06 -33.69 1.20
CA GLY B 152 3.19 -33.74 2.40
C GLY B 152 3.58 -34.83 3.44
N LYS B 153 3.86 -36.01 2.97
CA LYS B 153 4.21 -37.13 3.83
C LYS B 153 5.49 -36.85 4.58
N GLN B 154 6.46 -36.47 3.80
CA GLN B 154 7.75 -36.20 4.31
C GLN B 154 7.73 -35.03 5.31
N TRP B 155 6.84 -34.05 5.07
CA TRP B 155 6.75 -32.90 5.94
C TRP B 155 6.24 -33.36 7.27
N LYS B 156 5.19 -34.17 7.21
CA LYS B 156 4.64 -34.83 8.43
C LYS B 156 5.70 -35.54 9.24
N GLU B 157 6.56 -36.28 8.58
CA GLU B 157 7.71 -36.99 9.21
C GLU B 157 8.72 -36.05 9.87
N PHE B 158 9.13 -35.00 9.16
CA PHE B 158 10.01 -33.97 9.73
C PHE B 158 9.40 -33.36 10.98
N LEU B 159 8.08 -33.10 10.95
CA LEU B 159 7.43 -32.40 12.04
C LEU B 159 6.97 -33.31 13.17
N ASP B 160 7.00 -34.63 13.00
CA ASP B 160 6.44 -35.58 13.97
C ASP B 160 4.92 -35.30 14.16
N TYR B 161 4.26 -34.83 13.12
CA TYR B 161 2.89 -34.32 13.17
C TYR B 161 1.97 -35.54 13.06
N ASN B 162 0.93 -35.56 13.87
CA ASN B 162 0.22 -36.82 14.10
C ASN B 162 -1.24 -36.73 13.69
N GLU B 163 -1.52 -35.91 12.67
CA GLU B 163 -2.85 -35.70 12.13
C GLU B 163 -2.84 -35.60 10.63
N SER B 164 -4.01 -35.69 10.01
CA SER B 164 -4.03 -35.63 8.52
C SER B 164 -3.76 -34.20 8.06
N ILE B 165 -3.08 -34.05 6.96
CA ILE B 165 -3.00 -32.78 6.35
C ILE B 165 -3.57 -32.87 4.92
N GLY B 166 -3.95 -31.68 4.45
CA GLY B 166 -4.53 -31.55 3.15
C GLY B 166 -3.77 -30.60 2.29
N PHE B 167 -4.16 -30.65 1.03
CA PHE B 167 -3.57 -29.79 0.01
C PHE B 167 -4.68 -29.17 -0.75
N ILE B 168 -4.59 -27.85 -0.93
CA ILE B 168 -5.65 -27.10 -1.57
C ILE B 168 -5.09 -26.34 -2.73
N PHE B 169 -5.64 -26.60 -3.92
CA PHE B 169 -5.26 -25.93 -5.15
C PHE B 169 -5.61 -24.50 -5.01
N HIS B 170 -4.67 -23.64 -5.38
CA HIS B 170 -4.95 -22.19 -5.40
C HIS B 170 -6.11 -21.86 -6.30
N ASP B 171 -6.28 -22.58 -7.40
CA ASP B 171 -7.45 -22.40 -8.21
C ASP B 171 -8.79 -22.66 -7.49
N ASP B 172 -8.86 -23.68 -6.66
CA ASP B 172 -10.09 -23.91 -5.88
C ASP B 172 -10.30 -22.87 -4.79
N ALA B 173 -9.20 -22.43 -4.17
CA ALA B 173 -9.25 -21.39 -3.16
C ALA B 173 -9.81 -20.07 -3.74
N LYS B 174 -9.30 -19.67 -4.90
CA LYS B 174 -9.83 -18.56 -5.68
C LYS B 174 -11.37 -18.55 -5.94
N LYS B 175 -11.80 -19.65 -6.54
CA LYS B 175 -13.20 -20.02 -6.85
C LYS B 175 -14.05 -20.15 -5.59
N PHE B 176 -13.62 -20.94 -4.60
CA PHE B 176 -14.47 -21.26 -3.44
C PHE B 176 -13.91 -20.80 -2.10
N ASP B 177 -13.29 -19.63 -2.07
CA ASP B 177 -12.64 -19.04 -0.86
C ASP B 177 -12.70 -19.91 0.47
N ARG B 178 -13.67 -19.62 1.33
CA ARG B 178 -14.10 -20.34 2.57
C ARG B 178 -14.09 -21.90 2.30
N HIS B 179 -14.78 -22.30 1.23
CA HIS B 179 -15.33 -23.65 1.02
C HIS B 179 -14.53 -24.59 0.16
N ALA B 180 -13.29 -24.25 -0.12
CA ALA B 180 -12.47 -25.09 -0.99
C ALA B 180 -12.07 -26.43 -0.33
N LYS B 181 -12.16 -27.51 -1.11
CA LYS B 181 -11.92 -28.86 -0.70
C LYS B 181 -10.44 -29.15 -0.85
N ASN B 182 -9.91 -29.98 0.06
CA ASN B 182 -8.57 -30.56 -0.03
C ASN B 182 -8.69 -31.56 -1.14
N LYS B 183 -7.74 -31.52 -2.03
CA LYS B 183 -7.78 -32.40 -3.16
C LYS B 183 -7.02 -33.70 -2.83
N TYR B 184 -5.92 -33.62 -2.07
CA TYR B 184 -5.13 -34.72 -1.64
C TYR B 184 -5.04 -34.64 -0.15
N MET B 185 -4.72 -35.78 0.47
CA MET B 185 -4.53 -35.86 1.91
C MET B 185 -3.58 -36.99 2.31
N VAL B 186 -2.81 -36.75 3.34
CA VAL B 186 -1.85 -37.69 3.77
C VAL B 186 -1.73 -37.63 5.28
N SER C 5 47.25 19.32 -18.02
CA SER C 5 48.13 20.51 -18.00
C SER C 5 47.41 21.63 -17.23
N LEU C 6 48.14 22.73 -17.09
CA LEU C 6 47.63 23.98 -16.55
C LEU C 6 46.23 24.44 -16.96
N VAL C 7 45.81 24.12 -18.19
CA VAL C 7 44.59 24.66 -18.78
C VAL C 7 43.30 23.89 -18.63
N HIS C 8 43.30 22.63 -18.20
CA HIS C 8 42.06 21.89 -18.05
C HIS C 8 42.08 21.25 -16.72
N GLN C 9 42.05 22.09 -15.72
CA GLN C 9 42.12 21.63 -14.35
C GLN C 9 40.77 21.17 -13.86
N PRO C 10 40.73 19.97 -13.22
CA PRO C 10 39.47 19.47 -12.73
C PRO C 10 38.93 20.43 -11.70
N HIS C 11 37.61 20.53 -11.54
CA HIS C 11 36.98 21.50 -10.66
C HIS C 11 36.59 20.77 -9.41
N PRO C 12 37.29 21.07 -8.30
CA PRO C 12 37.11 20.30 -7.05
C PRO C 12 35.80 20.67 -6.33
N LEU C 13 35.15 19.66 -5.73
CA LEU C 13 34.01 19.84 -4.86
C LEU C 13 34.49 20.20 -3.47
N GLU C 14 33.59 20.74 -2.70
CA GLU C 14 33.84 21.12 -1.36
C GLU C 14 34.13 19.88 -0.56
N HIS C 15 33.39 18.83 -0.82
CA HIS C 15 33.48 17.60 -0.05
C HIS C 15 33.67 16.50 -1.04
N SER C 16 34.12 15.36 -0.52
CA SER C 16 34.07 14.08 -1.24
C SER C 16 32.78 13.31 -0.93
N TRP C 17 32.31 12.55 -1.89
CA TRP C 17 31.02 11.92 -1.73
C TRP C 17 31.16 10.52 -2.13
N THR C 18 30.49 9.63 -1.40
CA THR C 18 30.53 8.24 -1.71
C THR C 18 29.12 7.77 -2.07
N PHE C 19 28.99 7.13 -3.26
CA PHE C 19 27.74 6.42 -3.65
C PHE C 19 27.78 5.09 -3.02
N TRP C 20 26.65 4.68 -2.44
CA TRP C 20 26.48 3.35 -1.83
C TRP C 20 25.29 2.71 -2.44
N PHE C 21 25.30 1.40 -2.57
CA PHE C 21 24.18 0.69 -3.20
C PHE C 21 23.74 -0.44 -2.28
N ASP C 22 22.44 -0.77 -2.32
CA ASP C 22 21.81 -1.83 -1.51
C ASP C 22 20.59 -2.48 -2.18
N ASN C 23 20.26 -3.70 -1.79
CA ASN C 23 19.05 -4.33 -2.22
C ASN C 23 18.69 -5.38 -1.17
N PRO C 24 17.45 -5.31 -0.61
CA PRO C 24 17.02 -6.46 0.19
C PRO C 24 16.91 -7.76 -0.62
N SER C 25 16.58 -7.61 -1.89
CA SER C 25 15.87 -8.63 -2.58
C SER C 25 16.70 -9.23 -3.71
N ALA C 26 18.04 -9.02 -3.71
CA ALA C 26 18.95 -9.61 -4.72
C ALA C 26 19.96 -10.64 -4.20
N LYS C 27 20.14 -11.74 -4.95
CA LYS C 27 21.02 -12.91 -4.68
C LYS C 27 22.38 -12.63 -4.01
N SER C 28 22.39 -11.88 -2.92
CA SER C 28 23.53 -10.95 -2.58
C SER C 28 25.00 -11.44 -2.76
N LYS C 29 25.87 -10.44 -2.88
CA LYS C 29 27.30 -10.62 -2.77
C LYS C 29 27.38 -10.65 -1.27
N GLN C 30 28.03 -11.72 -0.81
CA GLN C 30 27.95 -12.19 0.53
C GLN C 30 27.80 -11.01 1.50
N ALA C 31 26.65 -10.88 2.18
CA ALA C 31 26.50 -9.89 3.25
C ALA C 31 25.73 -10.47 4.44
N THR C 32 25.18 -9.63 5.32
CA THR C 32 24.26 -10.08 6.37
C THR C 32 23.21 -9.01 6.63
N TRP C 33 22.07 -9.44 7.13
CA TRP C 33 20.97 -8.58 7.63
C TRP C 33 21.54 -7.35 8.28
N GLY C 34 21.29 -6.19 7.67
CA GLY C 34 21.91 -4.92 8.07
C GLY C 34 23.45 -4.81 7.97
N ALA C 35 24.06 -5.44 6.97
CA ALA C 35 25.48 -5.28 6.66
C ALA C 35 25.69 -5.29 5.14
N SER C 36 24.62 -4.92 4.47
CA SER C 36 24.45 -5.25 3.12
C SER C 36 24.79 -4.04 2.28
N ILE C 37 24.83 -2.84 2.85
CA ILE C 37 24.92 -1.65 2.03
C ILE C 37 26.35 -1.40 1.57
N ARG C 38 26.75 -1.80 0.36
CA ARG C 38 28.16 -1.61 -0.11
C ARG C 38 28.42 -0.17 -0.61
N PRO C 39 29.60 0.43 -0.26
CA PRO C 39 30.06 1.60 -1.02
C PRO C 39 30.53 1.16 -2.38
N ILE C 40 30.35 1.98 -3.41
CA ILE C 40 30.79 1.61 -4.79
C ILE C 40 31.76 2.62 -5.49
N TYR C 41 31.53 3.93 -5.34
CA TYR C 41 32.45 4.97 -5.87
C TYR C 41 32.45 6.16 -4.97
N THR C 42 33.63 6.71 -4.74
CA THR C 42 33.81 7.98 -4.09
C THR C 42 34.36 8.93 -5.10
N PHE C 43 33.84 10.15 -5.18
CA PHE C 43 34.35 11.21 -6.11
C PHE C 43 34.66 12.50 -5.35
N SER C 44 35.49 13.38 -5.92
CA SER C 44 35.85 14.66 -5.25
C SER C 44 35.87 15.88 -6.17
N THR C 45 35.63 15.68 -7.46
CA THR C 45 35.59 16.75 -8.45
C THR C 45 34.37 16.55 -9.32
N VAL C 46 33.97 17.62 -10.00
CA VAL C 46 32.82 17.57 -10.88
C VAL C 46 32.99 16.49 -11.97
N GLU C 47 34.18 16.47 -12.53
CA GLU C 47 34.49 15.54 -13.61
C GLU C 47 34.28 14.13 -13.08
N GLU C 48 34.76 13.89 -11.86
CA GLU C 48 34.62 12.56 -11.25
C GLU C 48 33.16 12.20 -10.99
N PHE C 49 32.38 13.18 -10.57
CA PHE C 49 30.94 12.97 -10.41
C PHE C 49 30.25 12.50 -11.67
N TRP C 50 30.48 13.17 -12.80
CA TRP C 50 29.81 12.75 -14.05
C TRP C 50 30.28 11.37 -14.45
N SER C 51 31.57 11.13 -14.38
CA SER C 51 32.13 9.80 -14.67
C SER C 51 31.45 8.64 -13.89
N VAL C 52 31.22 8.89 -12.63
CA VAL C 52 30.56 7.94 -11.78
C VAL C 52 29.06 7.86 -12.03
N TYR C 53 28.40 9.01 -12.19
CA TYR C 53 26.92 9.08 -12.47
C TYR C 53 26.54 8.38 -13.78
N ASN C 54 27.48 8.44 -14.74
CA ASN C 54 27.35 7.86 -16.05
C ASN C 54 27.61 6.38 -16.10
N ASN C 55 27.99 5.78 -14.96
CA ASN C 55 28.19 4.33 -14.83
C ASN C 55 27.37 3.68 -13.75
N ILE C 56 26.43 4.42 -13.22
CA ILE C 56 25.48 3.93 -12.27
C ILE C 56 24.17 4.06 -12.96
N HIS C 57 23.27 3.15 -12.64
CA HIS C 57 21.94 3.21 -13.19
C HIS C 57 21.17 4.35 -12.65
N HIS C 58 20.34 4.94 -13.50
CA HIS C 58 19.37 5.90 -13.01
C HIS C 58 18.20 5.14 -12.41
N PRO C 59 17.50 5.76 -11.48
CA PRO C 59 16.42 5.07 -10.79
C PRO C 59 15.44 4.38 -11.74
N SER C 60 15.18 5.02 -12.88
CA SER C 60 14.31 4.39 -13.87
C SER C 60 14.79 3.00 -14.37
N LYS C 61 16.10 2.70 -14.34
CA LYS C 61 16.65 1.40 -14.74
C LYS C 61 17.17 0.58 -13.58
N LEU C 62 17.03 1.04 -12.33
CA LEU C 62 17.29 0.19 -11.17
C LEU C 62 16.22 -0.85 -10.97
N ALA C 63 16.61 -1.87 -10.24
CA ALA C 63 15.75 -2.98 -9.94
C ALA C 63 14.79 -2.60 -8.86
N MET C 64 13.70 -3.31 -8.70
CA MET C 64 12.77 -3.01 -7.60
C MET C 64 13.40 -3.24 -6.27
N ARG C 65 12.93 -2.49 -5.30
CA ARG C 65 13.40 -2.52 -3.94
C ARG C 65 14.82 -2.06 -3.74
N ALA C 66 15.45 -1.48 -4.77
CA ALA C 66 16.85 -1.04 -4.67
C ALA C 66 16.96 0.31 -4.02
N ASP C 67 17.99 0.52 -3.23
CA ASP C 67 18.29 1.83 -2.60
C ASP C 67 19.66 2.27 -3.04
N LEU C 68 19.76 3.52 -3.49
CA LEU C 68 21.00 4.07 -3.99
C LEU C 68 21.29 5.28 -3.14
N TYR C 69 22.43 5.31 -2.48
CA TYR C 69 22.71 6.42 -1.60
C TYR C 69 23.86 7.26 -2.12
N CYS C 70 23.87 8.55 -1.80
CA CYS C 70 25.04 9.40 -2.06
C CYS C 70 25.33 10.27 -0.86
N PHE C 71 26.29 9.86 -0.04
CA PHE C 71 26.55 10.52 1.20
C PHE C 71 27.93 11.17 1.20
N LYS C 72 28.11 12.20 2.02
CA LYS C 72 29.44 12.74 2.25
C LYS C 72 30.41 11.66 2.71
N HIS C 73 31.66 11.83 2.32
CA HIS C 73 32.72 10.85 2.54
C HIS C 73 32.88 10.72 4.02
N LYS C 74 32.94 9.46 4.43
CA LYS C 74 33.07 9.10 5.81
C LYS C 74 31.80 9.24 6.61
N ILE C 75 30.68 9.61 6.00
CA ILE C 75 29.38 9.33 6.63
C ILE C 75 28.84 8.05 6.04
N GLU C 76 28.71 7.03 6.88
CA GLU C 76 27.98 5.81 6.56
C GLU C 76 26.47 6.01 6.63
N PRO C 77 25.72 5.60 5.60
CA PRO C 77 24.29 5.85 5.55
C PRO C 77 23.51 4.88 6.40
N LYS C 78 23.59 5.10 7.70
CA LYS C 78 22.88 4.29 8.66
C LYS C 78 22.44 5.22 9.77
N TRP C 79 21.22 5.02 10.27
CA TRP C 79 20.81 5.73 11.51
C TRP C 79 21.78 5.62 12.70
N GLU C 80 22.61 4.59 12.71
CA GLU C 80 23.49 4.31 13.81
C GLU C 80 24.83 5.06 13.67
N ASP C 81 25.10 5.64 12.49
CA ASP C 81 26.32 6.45 12.29
C ASP C 81 26.30 7.70 13.23
N PRO C 82 27.46 8.04 13.81
CA PRO C 82 27.43 9.05 14.85
C PRO C 82 27.16 10.45 14.37
N VAL C 83 27.35 10.70 13.09
CA VAL C 83 26.97 11.99 12.49
C VAL C 83 25.46 12.06 12.19
N CYS C 84 24.83 10.95 11.77
CA CYS C 84 23.41 10.90 11.47
C CYS C 84 22.49 10.71 12.70
N ALA C 85 23.04 10.34 13.84
CA ALA C 85 22.22 9.76 14.90
C ALA C 85 21.01 10.61 15.38
N ASN C 86 21.25 11.92 15.47
CA ASN C 86 20.24 12.83 15.99
C ASN C 86 19.61 13.62 14.90
N GLY C 87 19.56 13.01 13.72
CA GLY C 87 19.13 13.67 12.52
C GLY C 87 17.79 13.17 12.03
N GLY C 88 17.54 13.34 10.74
CA GLY C 88 16.30 12.85 10.19
C GLY C 88 16.29 12.96 8.71
N LYS C 89 15.11 12.88 8.10
CA LYS C 89 15.02 12.97 6.62
C LYS C 89 13.79 13.63 6.07
N TRP C 90 14.02 14.53 5.15
CA TRP C 90 12.99 15.06 4.31
C TRP C 90 12.71 14.03 3.21
N THR C 91 11.46 13.82 2.87
CA THR C 91 11.17 12.81 1.82
C THR C 91 10.22 13.33 0.75
N VAL C 92 10.49 12.99 -0.51
CA VAL C 92 9.55 13.28 -1.59
C VAL C 92 9.22 11.99 -2.27
N ASN C 93 8.20 12.02 -3.10
CA ASN C 93 7.96 10.90 -3.99
C ASN C 93 7.55 11.30 -5.35
N PHE C 94 7.71 10.34 -6.25
CA PHE C 94 7.53 10.54 -7.67
C PHE C 94 6.92 9.30 -8.18
N PRO C 95 6.28 9.35 -9.35
CA PRO C 95 5.86 8.10 -9.99
C PRO C 95 7.00 7.11 -10.28
N ARG C 96 6.73 5.83 -10.15
CA ARG C 96 7.68 4.79 -10.58
C ARG C 96 8.16 5.14 -11.96
N GLY C 97 9.46 5.41 -12.10
CA GLY C 97 10.05 5.56 -13.42
C GLY C 97 10.18 6.99 -13.83
N LYS C 98 9.58 7.89 -13.07
CA LYS C 98 9.67 9.31 -13.35
C LYS C 98 10.36 10.04 -12.20
N SER C 99 11.51 9.49 -11.77
CA SER C 99 12.18 10.10 -10.66
C SER C 99 13.57 10.53 -11.01
N ASP C 100 13.94 10.42 -12.28
CA ASP C 100 15.35 10.57 -12.65
C ASP C 100 15.88 11.97 -12.51
N ASN C 101 15.04 12.96 -12.86
CA ASN C 101 15.40 14.35 -12.72
C ASN C 101 15.54 14.78 -11.27
N GLY C 102 14.59 14.41 -10.44
CA GLY C 102 14.62 14.78 -9.04
C GLY C 102 15.90 14.28 -8.41
N TRP C 103 16.24 13.02 -8.66
CA TRP C 103 17.46 12.46 -8.17
C TRP C 103 18.65 13.35 -8.61
N LEU C 104 18.68 13.74 -9.87
CA LEU C 104 19.78 14.43 -10.45
C LEU C 104 19.90 15.81 -9.79
N TYR C 105 18.79 16.51 -9.75
CA TYR C 105 18.76 17.80 -9.16
C TYR C 105 19.21 17.79 -7.69
N THR C 106 18.81 16.74 -6.96
CA THR C 106 19.16 16.54 -5.59
C THR C 106 20.64 16.35 -5.44
N LEU C 107 21.21 15.51 -6.28
CA LEU C 107 22.66 15.31 -6.28
C LEU C 107 23.37 16.62 -6.54
N LEU C 108 22.98 17.31 -7.61
CA LEU C 108 23.64 18.58 -7.99
C LEU C 108 23.50 19.63 -6.90
N ALA C 109 22.36 19.70 -6.25
CA ALA C 109 22.19 20.67 -5.17
C ALA C 109 23.17 20.35 -3.98
N MET C 110 23.39 19.06 -3.69
CA MET C 110 24.19 18.71 -2.55
C MET C 110 25.64 18.89 -2.91
N ILE C 111 26.11 18.31 -4.00
CA ILE C 111 27.59 18.29 -4.23
C ILE C 111 28.13 19.68 -4.49
N GLY C 112 27.26 20.50 -5.04
CA GLY C 112 27.49 21.88 -5.33
C GLY C 112 27.32 22.81 -4.16
N GLU C 113 26.97 22.31 -2.99
CA GLU C 113 26.77 23.11 -1.78
C GLU C 113 25.79 24.25 -2.03
N GLN C 114 24.66 23.95 -2.65
CA GLN C 114 23.66 24.98 -2.99
C GLN C 114 22.63 25.19 -1.88
N PHE C 115 22.62 24.36 -0.85
CA PHE C 115 21.69 24.59 0.23
C PHE C 115 22.24 25.57 1.22
N ASP C 116 21.36 26.40 1.76
CA ASP C 116 21.67 27.18 2.93
C ASP C 116 21.85 26.09 3.98
N CYS C 117 22.57 26.32 5.06
CA CYS C 117 22.70 25.28 6.06
C CYS C 117 23.05 23.89 5.49
N GLY C 118 23.82 23.85 4.42
CA GLY C 118 24.23 22.62 3.80
C GLY C 118 25.18 21.85 4.65
N ASP C 119 25.67 22.49 5.70
CA ASP C 119 26.47 21.78 6.68
C ASP C 119 25.68 20.66 7.32
N GLU C 120 24.37 20.82 7.44
CA GLU C 120 23.48 19.83 8.07
C GLU C 120 23.21 18.64 7.18
N ILE C 121 23.44 18.76 5.88
CA ILE C 121 23.15 17.65 4.97
C ILE C 121 24.18 16.52 5.13
N CYS C 122 23.67 15.32 5.36
CA CYS C 122 24.48 14.11 5.35
C CYS C 122 24.65 13.51 3.95
N GLY C 123 23.51 13.32 3.30
CA GLY C 123 23.49 12.75 1.95
C GLY C 123 22.05 12.59 1.54
N ALA C 124 21.88 11.79 0.52
CA ALA C 124 20.55 11.54 -0.05
C ALA C 124 20.43 10.11 -0.50
N VAL C 125 19.20 9.65 -0.63
CA VAL C 125 18.90 8.30 -1.06
C VAL C 125 17.69 8.27 -1.98
N VAL C 126 17.76 7.47 -3.04
CA VAL C 126 16.61 7.16 -3.83
C VAL C 126 16.21 5.69 -3.60
N ASN C 127 14.93 5.51 -3.23
CA ASN C 127 14.32 4.23 -2.94
C ASN C 127 13.40 3.88 -4.08
N VAL C 128 13.79 2.88 -4.87
CA VAL C 128 12.98 2.45 -5.99
C VAL C 128 12.00 1.42 -5.49
N ARG C 129 10.72 1.71 -5.64
CA ARG C 129 9.67 0.85 -5.21
C ARG C 129 8.62 0.69 -6.33
N SER C 130 7.94 -0.44 -6.37
CA SER C 130 6.77 -0.60 -7.25
C SER C 130 5.79 0.51 -6.88
N GLY C 131 5.13 1.11 -7.86
CA GLY C 131 4.19 2.16 -7.54
C GLY C 131 4.78 3.56 -7.44
N GLN C 132 5.39 3.91 -6.31
CA GLN C 132 6.10 5.24 -6.08
C GLN C 132 7.62 5.10 -5.94
N ASP C 133 8.37 6.10 -6.34
CA ASP C 133 9.80 6.21 -5.95
C ASP C 133 9.87 7.24 -4.86
N LYS C 134 10.81 7.11 -3.95
CA LYS C 134 11.01 8.09 -2.90
C LYS C 134 12.42 8.57 -2.97
N ILE C 135 12.64 9.86 -2.75
CA ILE C 135 13.96 10.37 -2.49
C ILE C 135 13.91 11.03 -1.16
N SER C 136 14.88 10.75 -0.33
CA SER C 136 15.05 11.44 0.95
C SER C 136 16.39 12.15 0.99
N ILE C 137 16.44 13.35 1.55
CA ILE C 137 17.67 13.91 2.03
C ILE C 137 17.78 13.64 3.51
N TRP C 138 18.88 13.03 3.95
CA TRP C 138 19.18 12.86 5.40
C TRP C 138 19.95 14.06 5.97
N THR C 139 19.51 14.65 7.07
CA THR C 139 20.28 15.73 7.80
C THR C 139 20.64 15.35 9.23
N LYS C 140 21.34 16.27 9.92
CA LYS C 140 21.99 15.93 11.25
C LYS C 140 21.48 16.38 12.62
N ASN C 141 21.04 17.62 12.71
CA ASN C 141 20.56 18.18 13.96
C ASN C 141 19.08 18.40 13.77
N ALA C 142 18.32 17.30 13.81
CA ALA C 142 16.86 17.34 13.60
C ALA C 142 16.17 18.40 14.44
N SER C 143 16.65 18.67 15.63
CA SER C 143 15.97 19.60 16.51
C SER C 143 16.23 21.07 16.15
N ASN C 144 17.05 21.37 15.13
CA ASN C 144 17.20 22.74 14.62
C ASN C 144 16.17 23.06 13.52
N GLU C 145 14.96 23.46 13.94
CA GLU C 145 13.84 23.62 13.02
C GLU C 145 14.13 24.63 11.94
N ALA C 146 14.65 25.81 12.30
CA ALA C 146 15.03 26.83 11.33
C ALA C 146 15.86 26.28 10.21
N ALA C 147 16.93 25.55 10.56
CA ALA C 147 17.77 24.92 9.56
C ALA C 147 16.98 23.84 8.74
N GLN C 148 16.24 22.95 9.39
CA GLN C 148 15.61 21.86 8.66
C GLN C 148 14.53 22.40 7.74
N ALA C 149 13.79 23.39 8.22
CA ALA C 149 12.77 24.02 7.40
C ALA C 149 13.35 24.73 6.17
N SER C 150 14.52 25.36 6.36
CA SER C 150 15.26 25.94 5.24
C SER C 150 15.51 24.90 4.19
N ILE C 151 15.99 23.76 4.61
CA ILE C 151 16.45 22.72 3.70
C ILE C 151 15.29 22.13 2.92
N GLY C 152 14.22 21.86 3.63
CA GLY C 152 12.99 21.36 3.01
C GLY C 152 12.33 22.28 2.01
N LYS C 153 12.26 23.55 2.37
CA LYS C 153 11.67 24.56 1.46
C LYS C 153 12.47 24.66 0.23
N GLN C 154 13.77 24.77 0.46
CA GLN C 154 14.68 24.94 -0.55
C GLN C 154 14.73 23.76 -1.55
N TRP C 155 14.62 22.56 -1.01
CA TRP C 155 14.58 21.37 -1.83
C TRP C 155 13.31 21.37 -2.74
N LYS C 156 12.17 21.73 -2.15
CA LYS C 156 10.94 21.91 -2.90
C LYS C 156 11.06 22.84 -4.03
N GLU C 157 11.73 23.99 -3.80
CA GLU C 157 12.05 24.96 -4.85
C GLU C 157 12.92 24.35 -5.95
N PHE C 158 13.97 23.62 -5.59
CA PHE C 158 14.87 23.05 -6.58
C PHE C 158 14.14 22.07 -7.45
N LEU C 159 13.23 21.31 -6.85
CA LEU C 159 12.56 20.24 -7.55
C LEU C 159 11.36 20.74 -8.34
N ASP C 160 10.87 21.94 -8.11
CA ASP C 160 9.58 22.34 -8.66
C ASP C 160 8.47 21.43 -8.11
N TYR C 161 8.59 21.00 -6.87
CA TYR C 161 7.69 20.03 -6.24
C TYR C 161 6.53 20.78 -5.68
N ASN C 162 5.32 20.26 -5.90
CA ASN C 162 4.14 21.06 -5.62
C ASN C 162 3.29 20.44 -4.55
N GLU C 163 3.90 19.72 -3.64
CA GLU C 163 3.22 19.05 -2.55
C GLU C 163 3.96 19.17 -1.25
N SER C 164 3.28 18.82 -0.17
CA SER C 164 3.85 18.86 1.17
C SER C 164 4.89 17.81 1.35
N ILE C 165 5.98 18.18 2.02
CA ILE C 165 6.97 17.19 2.37
C ILE C 165 7.16 17.22 3.85
N GLY C 166 7.59 16.07 4.35
CA GLY C 166 7.71 15.89 5.74
C GLY C 166 9.09 15.48 6.12
N PHE C 167 9.32 15.53 7.40
CA PHE C 167 10.64 15.33 7.97
C PHE C 167 10.41 14.44 9.15
N ILE C 168 11.23 13.39 9.22
CA ILE C 168 11.04 12.34 10.20
C ILE C 168 12.34 12.12 10.89
N PHE C 169 12.29 12.25 12.21
CA PHE C 169 13.48 12.09 13.04
C PHE C 169 13.84 10.62 12.97
N HIS C 170 15.13 10.33 12.77
CA HIS C 170 15.61 8.96 12.76
C HIS C 170 15.22 8.25 14.04
N ASP C 171 15.22 8.97 15.16
CA ASP C 171 14.80 8.37 16.41
C ASP C 171 13.28 7.99 16.39
N ASP C 172 12.39 8.77 15.75
CA ASP C 172 10.96 8.33 15.62
C ASP C 172 10.79 7.11 14.68
N ALA C 173 11.61 7.11 13.61
CA ALA C 173 11.64 5.99 12.70
C ALA C 173 11.98 4.68 13.46
N LYS C 174 12.77 4.78 14.54
CA LYS C 174 13.11 3.59 15.37
C LYS C 174 11.94 3.10 16.22
N LYS C 175 11.35 3.94 17.09
CA LYS C 175 10.02 3.70 17.67
C LYS C 175 8.85 4.29 16.79
N HIS C 179 5.41 3.51 10.64
CA HIS C 179 4.35 4.27 11.30
C HIS C 179 4.70 5.73 11.80
N ALA C 180 5.91 6.23 11.57
CA ALA C 180 6.39 7.44 12.27
C ALA C 180 5.77 8.74 11.76
N LYS C 181 5.47 9.69 12.66
CA LYS C 181 4.85 10.99 12.31
C LYS C 181 5.90 11.97 11.87
N ASN C 182 5.55 12.78 10.88
CA ASN C 182 6.39 13.86 10.42
C ASN C 182 6.38 14.94 11.45
N LYS C 183 7.53 15.49 11.75
CA LYS C 183 7.67 16.46 12.83
C LYS C 183 7.55 17.89 12.28
N TYR C 184 8.08 18.13 11.09
CA TYR C 184 7.90 19.39 10.40
C TYR C 184 7.30 19.02 9.06
N MET C 185 6.66 20.01 8.47
CA MET C 185 6.29 19.95 7.09
C MET C 185 6.38 21.28 6.40
N VAL C 186 6.67 21.22 5.12
CA VAL C 186 6.70 22.42 4.33
C VAL C 186 6.06 22.19 2.97
N LEU D 6 -36.37 13.91 -13.96
CA LEU D 6 -35.82 13.51 -12.63
C LEU D 6 -36.91 13.01 -11.72
N VAL D 7 -37.00 11.69 -11.53
CA VAL D 7 -37.99 11.04 -10.65
C VAL D 7 -37.50 10.85 -9.18
N HIS D 8 -37.38 11.97 -8.47
CA HIS D 8 -37.00 12.06 -7.02
C HIS D 8 -36.01 11.03 -6.44
N GLN D 9 -34.75 11.23 -6.82
CA GLN D 9 -33.57 10.42 -6.45
C GLN D 9 -32.84 10.84 -5.18
N PRO D 10 -31.87 10.02 -4.76
CA PRO D 10 -31.13 10.34 -3.56
C PRO D 10 -30.31 11.65 -3.66
N HIS D 11 -30.08 12.26 -2.49
CA HIS D 11 -29.31 13.50 -2.38
C HIS D 11 -27.95 13.15 -1.82
N PRO D 12 -26.92 13.28 -2.65
CA PRO D 12 -25.58 12.90 -2.24
C PRO D 12 -24.98 13.91 -1.29
N LEU D 13 -24.20 13.39 -0.35
CA LEU D 13 -23.40 14.21 0.57
C LEU D 13 -22.12 14.68 -0.06
N GLU D 14 -21.53 15.68 0.57
CA GLU D 14 -20.28 16.18 0.10
C GLU D 14 -19.21 15.11 0.27
N HIS D 15 -19.20 14.46 1.43
CA HIS D 15 -18.22 13.39 1.72
C HIS D 15 -18.94 12.13 2.04
N SER D 16 -18.20 11.02 2.05
CA SER D 16 -18.71 9.75 2.60
C SER D 16 -18.27 9.61 4.05
N TRP D 17 -19.07 8.94 4.84
CA TRP D 17 -18.84 8.90 6.26
C TRP D 17 -19.01 7.49 6.75
N THR D 18 -18.20 7.11 7.72
CA THR D 18 -18.20 5.76 8.21
C THR D 18 -18.47 5.83 9.70
N PHE D 19 -19.52 5.14 10.14
CA PHE D 19 -19.77 4.87 11.57
C PHE D 19 -18.90 3.72 12.04
N TRP D 20 -18.27 3.89 13.19
CA TRP D 20 -17.43 2.85 13.83
C TRP D 20 -17.97 2.68 15.22
N PHE D 21 -17.85 1.47 15.77
CA PHE D 21 -18.35 1.18 17.11
C PHE D 21 -17.21 0.49 17.89
N ASP D 22 -17.19 0.69 19.22
CA ASP D 22 -16.16 0.13 20.15
C ASP D 22 -16.83 -0.25 21.47
N ASN D 23 -16.43 -1.41 21.98
CA ASN D 23 -17.34 -2.30 22.59
C ASN D 23 -16.81 -2.77 23.90
N PRO D 24 -17.65 -2.78 24.93
CA PRO D 24 -17.30 -3.64 26.05
C PRO D 24 -17.28 -5.10 25.56
N ILE D 37 -11.83 -1.25 17.64
CA ILE D 37 -12.80 -0.34 17.07
C ILE D 37 -13.27 -0.79 15.68
N ARG D 38 -14.38 -1.53 15.58
CA ARG D 38 -14.91 -2.03 14.26
C ARG D 38 -15.69 -0.96 13.44
N PRO D 39 -15.45 -0.85 12.11
CA PRO D 39 -16.38 -0.07 11.28
C PRO D 39 -17.65 -0.89 11.10
N ILE D 40 -18.80 -0.23 10.98
CA ILE D 40 -20.11 -0.92 10.82
C ILE D 40 -20.95 -0.50 9.60
N TYR D 41 -21.05 0.80 9.30
CA TYR D 41 -21.72 1.28 8.06
C TYR D 41 -20.98 2.50 7.49
N THR D 42 -20.84 2.54 6.18
CA THR D 42 -20.42 3.74 5.47
C THR D 42 -21.60 4.20 4.65
N PHE D 43 -21.88 5.50 4.65
CA PHE D 43 -22.94 6.11 3.81
C PHE D 43 -22.40 7.25 2.95
N SER D 44 -23.11 7.58 1.86
CA SER D 44 -22.71 8.71 1.00
C SER D 44 -23.86 9.62 0.54
N THR D 45 -25.08 9.33 0.97
CA THR D 45 -26.27 10.11 0.63
C THR D 45 -27.09 10.30 1.87
N VAL D 46 -27.95 11.30 1.85
CA VAL D 46 -28.85 11.60 2.98
C VAL D 46 -29.73 10.39 3.31
N GLU D 47 -30.24 9.75 2.27
CA GLU D 47 -31.11 8.60 2.40
C GLU D 47 -30.37 7.51 3.12
N GLU D 48 -29.13 7.26 2.69
CA GLU D 48 -28.27 6.26 3.34
C GLU D 48 -27.98 6.62 4.78
N PHE D 49 -27.78 7.90 5.09
CA PHE D 49 -27.58 8.33 6.47
C PHE D 49 -28.73 7.94 7.36
N TRP D 50 -29.93 8.31 6.98
CA TRP D 50 -31.07 8.03 7.82
C TRP D 50 -31.25 6.52 7.97
N SER D 51 -31.11 5.83 6.86
CA SER D 51 -31.21 4.38 6.90
C SER D 51 -30.27 3.76 7.97
N VAL D 52 -29.06 4.27 8.01
CA VAL D 52 -28.05 3.77 8.89
C VAL D 52 -28.33 4.22 10.33
N TYR D 53 -28.69 5.51 10.51
CA TYR D 53 -28.90 6.12 11.87
C TYR D 53 -30.08 5.45 12.59
N ASN D 54 -31.06 5.02 11.81
CA ASN D 54 -32.23 4.30 12.29
C ASN D 54 -32.03 2.81 12.59
N ASN D 55 -30.84 2.28 12.32
CA ASN D 55 -30.48 0.89 12.69
C ASN D 55 -29.28 0.78 13.60
N ILE D 56 -28.82 1.92 14.10
CA ILE D 56 -27.80 2.00 15.11
C ILE D 56 -28.51 2.51 16.30
N HIS D 57 -28.11 2.02 17.47
CA HIS D 57 -28.65 2.50 18.72
C HIS D 57 -28.28 3.95 18.95
N HIS D 58 -29.21 4.66 19.57
CA HIS D 58 -28.90 5.99 20.01
C HIS D 58 -28.15 5.87 21.30
N PRO D 59 -27.32 6.85 21.61
CA PRO D 59 -26.56 6.81 22.86
C PRO D 59 -27.39 6.46 24.13
N SER D 60 -28.62 6.95 24.21
CA SER D 60 -29.50 6.60 25.34
C SER D 60 -29.79 5.09 25.47
N LYS D 61 -29.69 4.31 24.41
CA LYS D 61 -29.89 2.86 24.48
C LYS D 61 -28.57 2.06 24.33
N LEU D 62 -27.41 2.72 24.28
CA LEU D 62 -26.14 2.00 24.21
C LEU D 62 -25.76 1.54 25.59
N ALA D 63 -24.89 0.52 25.62
CA ALA D 63 -24.41 -0.08 26.86
C ALA D 63 -23.36 0.83 27.42
N MET D 64 -23.07 0.67 28.71
CA MET D 64 -22.05 1.51 29.37
C MET D 64 -20.68 1.29 28.76
N ARG D 65 -19.88 2.34 28.84
CA ARG D 65 -18.50 2.39 28.33
C ARG D 65 -18.35 2.23 26.80
N ALA D 66 -19.45 2.28 26.05
CA ALA D 66 -19.41 2.15 24.60
C ALA D 66 -19.02 3.49 23.94
N ASP D 67 -18.32 3.41 22.82
CA ASP D 67 -18.02 4.58 22.02
C ASP D 67 -18.55 4.35 20.63
N LEU D 68 -19.19 5.36 20.06
CA LEU D 68 -19.69 5.30 18.71
C LEU D 68 -19.07 6.45 17.93
N TYR D 69 -18.47 6.16 16.79
CA TYR D 69 -17.76 7.20 16.03
C TYR D 69 -18.39 7.40 14.66
N CYS D 70 -18.30 8.62 14.12
CA CYS D 70 -18.73 8.89 12.76
C CYS D 70 -17.74 9.79 12.09
N PHE D 71 -16.89 9.19 11.27
CA PHE D 71 -15.77 9.90 10.69
C PHE D 71 -15.86 9.92 9.18
N LYS D 72 -15.20 10.89 8.55
CA LYS D 72 -15.04 10.89 7.11
C LYS D 72 -14.39 9.60 6.63
N HIS D 73 -14.74 9.24 5.42
CA HIS D 73 -14.49 7.91 4.87
C HIS D 73 -13.08 7.35 4.94
N LYS D 74 -12.05 8.03 4.43
CA LYS D 74 -10.72 7.49 4.52
C LYS D 74 -10.08 7.72 5.92
N ILE D 75 -10.78 8.23 6.95
CA ILE D 75 -10.14 8.55 8.25
C ILE D 75 -10.47 7.52 9.36
N GLU D 76 -9.44 6.83 9.85
CA GLU D 76 -9.57 5.97 11.02
C GLU D 76 -9.58 6.82 12.29
N PRO D 77 -10.55 6.55 13.18
CA PRO D 77 -10.64 7.31 14.45
C PRO D 77 -9.58 6.90 15.50
N LYS D 78 -8.35 7.28 15.23
CA LYS D 78 -7.22 6.99 16.11
C LYS D 78 -6.30 8.19 16.08
N TRP D 79 -5.78 8.60 17.24
CA TRP D 79 -4.71 9.62 17.31
C TRP D 79 -3.51 9.38 16.38
N GLU D 80 -3.24 8.12 16.06
CA GLU D 80 -2.11 7.75 15.24
C GLU D 80 -2.40 7.86 13.71
N ASP D 81 -3.64 8.08 13.31
CA ASP D 81 -3.99 8.27 11.87
C ASP D 81 -3.26 9.53 11.33
N PRO D 82 -2.74 9.47 10.10
CA PRO D 82 -1.94 10.60 9.62
C PRO D 82 -2.72 11.90 9.37
N VAL D 83 -4.04 11.82 9.23
CA VAL D 83 -4.85 13.02 9.11
C VAL D 83 -5.15 13.62 10.50
N CYS D 84 -5.28 12.77 11.51
CA CYS D 84 -5.61 13.20 12.88
C CYS D 84 -4.39 13.61 13.70
N ALA D 85 -3.20 13.24 13.26
CA ALA D 85 -2.04 13.25 14.14
C ALA D 85 -1.69 14.59 14.82
N ASN D 86 -1.82 15.68 14.07
CA ASN D 86 -1.52 17.01 14.60
C ASN D 86 -2.78 17.75 14.93
N GLY D 87 -3.84 17.01 15.25
CA GLY D 87 -5.17 17.57 15.50
C GLY D 87 -5.57 17.57 16.96
N GLY D 88 -6.88 17.64 17.20
CA GLY D 88 -7.35 17.58 18.58
C GLY D 88 -8.84 17.45 18.63
N LYS D 89 -9.42 17.77 19.78
CA LYS D 89 -10.87 17.61 19.93
C LYS D 89 -11.53 18.62 20.84
N TRP D 90 -12.62 19.18 20.32
CA TRP D 90 -13.60 19.91 21.13
C TRP D 90 -14.45 18.88 21.87
N THR D 91 -14.73 19.09 23.16
CA THR D 91 -15.60 18.17 23.88
C THR D 91 -16.78 18.83 24.58
N VAL D 92 -17.93 18.19 24.51
CA VAL D 92 -19.09 18.66 25.21
C VAL D 92 -19.56 17.52 26.09
N ASN D 93 -20.31 17.81 27.14
CA ASN D 93 -20.94 16.72 27.89
C ASN D 93 -22.40 16.96 28.27
N PHE D 94 -23.10 15.85 28.47
CA PHE D 94 -24.53 15.87 28.70
C PHE D 94 -24.81 14.87 29.77
N PRO D 95 -25.93 15.00 30.46
CA PRO D 95 -26.33 13.93 31.34
C PRO D 95 -26.47 12.56 30.68
N ARG D 96 -26.11 11.52 31.40
CA ARG D 96 -26.40 10.14 30.95
C ARG D 96 -27.84 10.03 30.44
N GLY D 97 -27.97 9.69 29.16
CA GLY D 97 -29.23 9.38 28.53
C GLY D 97 -29.84 10.58 27.84
N LYS D 98 -29.22 11.74 28.02
CA LYS D 98 -29.76 12.97 27.49
C LYS D 98 -28.77 13.53 26.50
N SER D 99 -28.18 12.68 25.67
CA SER D 99 -27.23 13.14 24.71
C SER D 99 -27.68 12.87 23.29
N ASP D 100 -28.90 12.42 23.07
CA ASP D 100 -29.26 11.96 21.75
C ASP D 100 -29.36 13.10 20.77
N ASN D 101 -29.92 14.23 21.21
CA ASN D 101 -30.11 15.36 20.34
C ASN D 101 -28.81 15.96 19.95
N GLY D 102 -27.95 16.17 20.91
CA GLY D 102 -26.66 16.72 20.59
C GLY D 102 -25.94 15.88 19.57
N TRP D 103 -25.95 14.56 19.77
CA TRP D 103 -25.30 13.64 18.85
C TRP D 103 -25.86 13.86 17.46
N LEU D 104 -27.19 13.93 17.38
CA LEU D 104 -27.87 14.10 16.12
C LEU D 104 -27.50 15.39 15.45
N TYR D 105 -27.65 16.48 16.20
CA TYR D 105 -27.34 17.78 15.65
C TYR D 105 -25.90 17.86 15.15
N THR D 106 -24.99 17.26 15.91
CA THR D 106 -23.61 17.18 15.52
C THR D 106 -23.43 16.44 14.21
N LEU D 107 -24.08 15.29 14.09
CA LEU D 107 -23.98 14.50 12.84
C LEU D 107 -24.48 15.33 11.69
N LEU D 108 -25.67 15.88 11.83
CA LEU D 108 -26.24 16.69 10.78
C LEU D 108 -25.37 17.88 10.41
N ALA D 109 -24.77 18.53 11.40
CA ALA D 109 -23.89 19.67 11.12
C ALA D 109 -22.64 19.23 10.30
N MET D 110 -22.09 18.06 10.63
CA MET D 110 -20.95 17.57 9.88
C MET D 110 -21.31 17.09 8.49
N ILE D 111 -22.23 16.13 8.35
CA ILE D 111 -22.44 15.50 7.02
C ILE D 111 -23.00 16.49 5.99
N GLY D 112 -23.72 17.48 6.52
CA GLY D 112 -24.22 18.59 5.74
C GLY D 112 -23.25 19.71 5.43
N GLU D 113 -22.00 19.60 5.89
CA GLU D 113 -20.97 20.63 5.69
C GLU D 113 -21.44 22.01 6.16
N GLN D 114 -22.00 22.08 7.36
CA GLN D 114 -22.53 23.33 7.87
C GLN D 114 -21.53 24.12 8.63
N PHE D 115 -20.37 23.54 8.93
CA PHE D 115 -19.34 24.30 9.63
C PHE D 115 -18.60 25.17 8.64
N ASP D 116 -18.28 26.38 9.04
CA ASP D 116 -17.53 27.27 8.17
C ASP D 116 -16.19 26.67 7.81
N CYS D 117 -15.46 26.17 8.80
CA CYS D 117 -14.14 25.63 8.58
C CYS D 117 -14.26 24.12 8.66
N GLY D 118 -15.24 23.58 7.92
CA GLY D 118 -15.55 22.16 7.95
C GLY D 118 -14.51 21.27 7.28
N ASP D 119 -13.62 21.91 6.54
CA ASP D 119 -12.46 21.24 5.95
C ASP D 119 -11.59 20.60 7.07
N GLU D 120 -11.53 21.26 8.24
CA GLU D 120 -10.77 20.79 9.41
C GLU D 120 -11.40 19.59 10.17
N ILE D 121 -12.70 19.34 9.96
CA ILE D 121 -13.42 18.32 10.73
C ILE D 121 -13.10 16.92 10.24
N CYS D 122 -12.65 16.09 11.16
CA CYS D 122 -12.36 14.70 10.86
C CYS D 122 -13.61 13.85 11.05
N GLY D 123 -14.21 13.99 12.21
CA GLY D 123 -15.42 13.28 12.57
C GLY D 123 -15.83 13.61 13.98
N ALA D 124 -16.72 12.79 14.52
CA ALA D 124 -17.21 12.98 15.85
C ALA D 124 -17.39 11.65 16.53
N VAL D 125 -17.46 11.72 17.86
CA VAL D 125 -17.61 10.53 18.70
C VAL D 125 -18.49 10.81 19.91
N VAL D 126 -19.33 9.84 20.26
CA VAL D 126 -20.10 9.91 21.49
C VAL D 126 -19.63 8.79 22.41
N ASN D 127 -19.25 9.19 23.63
CA ASN D 127 -18.75 8.31 24.69
C ASN D 127 -19.84 8.17 25.73
N VAL D 128 -20.42 6.98 25.83
CA VAL D 128 -21.42 6.67 26.84
C VAL D 128 -20.73 6.23 28.12
N ARG D 129 -20.94 6.96 29.21
CA ARG D 129 -20.37 6.64 30.52
C ARG D 129 -21.47 6.77 31.60
N SER D 130 -21.32 6.12 32.75
CA SER D 130 -22.37 6.19 33.82
C SER D 130 -23.02 7.56 34.24
N GLY D 131 -22.24 8.58 34.62
CA GLY D 131 -22.76 9.84 35.09
C GLY D 131 -23.04 10.82 33.97
N GLN D 132 -22.02 11.07 33.16
CA GLN D 132 -22.08 11.97 31.98
C GLN D 132 -21.90 11.22 30.66
N ASP D 133 -22.46 11.77 29.57
CA ASP D 133 -22.07 11.36 28.20
C ASP D 133 -21.22 12.47 27.65
N LYS D 134 -20.31 12.14 26.76
CA LYS D 134 -19.46 13.15 26.17
C LYS D 134 -19.58 12.99 24.69
N ILE D 135 -19.63 14.11 23.98
CA ILE D 135 -19.46 14.14 22.53
C ILE D 135 -18.24 14.99 22.21
N SER D 136 -17.35 14.48 21.38
CA SER D 136 -16.28 15.28 20.86
C SER D 136 -16.39 15.40 19.34
N ILE D 137 -16.02 16.55 18.81
CA ILE D 137 -15.63 16.65 17.41
C ILE D 137 -14.10 16.63 17.29
N TRP D 138 -13.55 15.74 16.46
CA TRP D 138 -12.09 15.66 16.21
C TRP D 138 -11.74 16.52 15.00
N THR D 139 -10.73 17.39 15.12
CA THR D 139 -10.25 18.15 13.98
C THR D 139 -8.76 17.84 13.69
N LYS D 140 -8.27 18.41 12.58
CA LYS D 140 -6.84 18.35 12.18
C LYS D 140 -6.26 19.74 12.35
N ASN D 141 -4.94 19.92 12.31
CA ASN D 141 -4.32 21.25 12.47
C ASN D 141 -4.68 22.00 13.76
N ALA D 142 -4.39 21.35 14.88
CA ALA D 142 -4.67 21.89 16.21
C ALA D 142 -4.09 23.27 16.42
N SER D 143 -2.95 23.53 15.81
CA SER D 143 -2.30 24.82 15.98
C SER D 143 -2.93 25.98 15.17
N ASN D 144 -4.02 25.74 14.43
CA ASN D 144 -4.72 26.81 13.73
C ASN D 144 -5.84 27.35 14.58
N GLU D 145 -5.50 28.26 15.48
CA GLU D 145 -6.47 28.72 16.47
C GLU D 145 -7.73 29.32 15.80
N ALA D 146 -7.52 30.21 14.83
CA ALA D 146 -8.63 30.86 14.15
C ALA D 146 -9.66 29.81 13.68
N ALA D 147 -9.18 28.75 13.04
CA ALA D 147 -10.07 27.68 12.55
C ALA D 147 -10.73 26.87 13.68
N GLN D 148 -9.96 26.47 14.68
CA GLN D 148 -10.51 25.69 15.76
C GLN D 148 -11.54 26.50 16.56
N ALA D 149 -11.25 27.78 16.78
CA ALA D 149 -12.18 28.66 17.49
C ALA D 149 -13.51 28.86 16.74
N SER D 150 -13.43 29.02 15.42
CA SER D 150 -14.61 29.08 14.59
C SER D 150 -15.46 27.85 14.83
N ILE D 151 -14.84 26.67 14.77
CA ILE D 151 -15.58 25.43 14.90
C ILE D 151 -16.26 25.26 16.28
N GLY D 152 -15.49 25.55 17.34
CA GLY D 152 -15.99 25.41 18.70
C GLY D 152 -17.14 26.34 19.01
N LYS D 153 -17.00 27.59 18.58
CA LYS D 153 -18.06 28.56 18.79
C LYS D 153 -19.31 28.11 18.10
N GLN D 154 -19.15 27.76 16.85
CA GLN D 154 -20.24 27.44 15.98
C GLN D 154 -20.97 26.16 16.46
N TRP D 155 -20.20 25.21 17.02
CA TRP D 155 -20.79 24.00 17.57
C TRP D 155 -21.66 24.36 18.74
N LYS D 156 -21.12 25.25 19.61
CA LYS D 156 -21.87 25.77 20.74
C LYS D 156 -23.21 26.36 20.33
N GLU D 157 -23.17 27.16 19.25
CA GLU D 157 -24.38 27.78 18.68
C GLU D 157 -25.39 26.78 18.14
N PHE D 158 -24.93 25.80 17.36
CA PHE D 158 -25.80 24.70 16.88
C PHE D 158 -26.50 23.97 18.04
N LEU D 159 -25.73 23.72 19.12
CA LEU D 159 -26.25 22.92 20.20
C LEU D 159 -27.07 23.69 21.21
N ASP D 160 -27.09 25.02 21.15
CA ASP D 160 -27.67 25.84 22.23
C ASP D 160 -26.95 25.51 23.58
N TYR D 161 -25.65 25.22 23.54
CA TYR D 161 -24.88 24.77 24.70
C TYR D 161 -24.45 26.00 25.51
N ASN D 162 -24.62 25.97 26.83
CA ASN D 162 -24.44 27.20 27.59
C ASN D 162 -23.33 27.09 28.61
N GLU D 163 -22.30 26.35 28.27
CA GLU D 163 -21.15 26.16 29.09
C GLU D 163 -19.91 26.20 28.26
N SER D 164 -18.78 26.35 28.93
CA SER D 164 -17.52 26.44 28.25
C SER D 164 -17.16 25.10 27.65
N ILE D 165 -16.50 25.15 26.53
CA ILE D 165 -16.06 23.96 25.87
C ILE D 165 -14.56 24.12 25.73
N GLY D 166 -13.85 22.99 25.73
CA GLY D 166 -12.40 23.00 25.56
C GLY D 166 -11.94 22.16 24.40
N PHE D 167 -10.68 22.33 24.06
CA PHE D 167 -10.06 21.69 22.93
C PHE D 167 -8.73 21.20 23.44
N ILE D 168 -8.46 19.94 23.15
CA ILE D 168 -7.34 19.26 23.67
C ILE D 168 -6.61 18.64 22.52
N PHE D 169 -5.33 19.03 22.40
CA PHE D 169 -4.44 18.52 21.35
C PHE D 169 -4.25 17.02 21.62
N HIS D 170 -4.39 16.21 20.59
CA HIS D 170 -4.09 14.78 20.71
C HIS D 170 -2.66 14.54 21.19
N ASP D 171 -1.69 15.40 20.82
CA ASP D 171 -0.33 15.26 21.38
C ASP D 171 -0.31 15.44 22.90
N ASP D 172 -1.10 16.37 23.43
CA ASP D 172 -1.19 16.53 24.89
C ASP D 172 -1.87 15.35 25.59
N ALA D 173 -2.90 14.82 24.95
CA ALA D 173 -3.66 13.67 25.46
C ALA D 173 -2.79 12.42 25.54
N LYS D 174 -2.04 12.12 24.48
CA LYS D 174 -1.14 10.96 24.44
C LYS D 174 -0.08 11.03 25.55
N LYS D 175 0.54 12.20 25.67
CA LYS D 175 1.52 12.50 26.71
C LYS D 175 0.90 12.49 28.11
N PHE D 176 -0.16 13.27 28.30
CA PHE D 176 -0.68 13.51 29.64
C PHE D 176 -2.09 12.97 29.87
N ASP D 177 -2.40 11.80 29.31
CA ASP D 177 -3.63 11.01 29.57
C ASP D 177 -4.71 11.80 30.41
N ARG D 178 -4.88 11.46 31.71
CA ARG D 178 -5.78 12.18 32.66
C ARG D 178 -5.60 13.70 32.65
N HIS D 179 -4.33 14.10 32.69
CA HIS D 179 -3.88 15.42 33.13
C HIS D 179 -3.86 16.49 31.98
N ALA D 180 -4.32 16.19 30.77
CA ALA D 180 -4.11 17.11 29.63
C ALA D 180 -4.98 18.37 29.73
N LYS D 181 -4.37 19.53 29.46
CA LYS D 181 -5.09 20.78 29.61
C LYS D 181 -5.67 21.18 28.27
N ASN D 182 -6.76 21.91 28.36
CA ASN D 182 -7.40 22.50 27.20
C ASN D 182 -6.53 23.63 26.74
N LYS D 183 -6.31 23.73 25.45
CA LYS D 183 -5.45 24.76 24.91
C LYS D 183 -6.30 25.98 24.50
N TYR D 184 -7.50 25.74 23.95
CA TYR D 184 -8.46 26.81 23.62
C TYR D 184 -9.77 26.52 24.32
N MET D 185 -10.61 27.56 24.44
CA MET D 185 -11.92 27.47 25.06
C MET D 185 -13.00 28.44 24.55
N VAL D 186 -14.22 27.87 24.39
CA VAL D 186 -15.50 28.45 23.98
C VAL D 186 -15.40 29.43 22.82
PA M7G E . -22.79 -3.73 -10.58
O1A M7G E . -22.73 -5.16 -10.03
O2A M7G E . -21.57 -3.01 -11.10
O3A M7G E . -24.02 -3.67 -11.69
O5' M7G E . -23.04 -2.85 -9.25
PB M7G E . -25.58 -4.16 -11.44
O1B M7G E . -25.67 -4.22 -9.93
O2B M7G E . -25.79 -5.57 -11.99
O3B M7G E . -26.37 -3.09 -12.14
C5' M7G E . -22.21 -3.09 -8.10
C4' M7G E . -22.23 -1.88 -7.17
O4' M7G E . -21.08 -1.92 -6.34
C3' M7G E . -22.23 -0.56 -7.90
O3' M7G E . -23.50 0.05 -8.02
C2' M7G E . -21.44 0.30 -6.97
O2' M7G E . -22.32 0.85 -5.99
C1' M7G E . -20.49 -0.63 -6.31
N9 M7G E . -19.22 -0.63 -7.06
C8 M7G E . -19.22 -1.03 -8.49
N7 M7G E . -17.81 -0.81 -8.76
CM7 M7G E . -17.41 -1.13 -10.16
C5 M7G E . -17.14 -0.39 -7.69
C6 M7G E . -15.72 -0.06 -7.46
O6 M7G E . -14.94 -0.18 -8.40
N1 M7G E . -15.39 0.38 -6.23
C2 M7G E . -16.33 0.47 -5.24
N2 M7G E . -15.95 0.88 -4.03
N3 M7G E . -17.65 0.16 -5.37
C4 M7G E . -18.08 -0.26 -6.56
PA M7G F . -11.84 6.17 26.60
O1A M7G F . -12.64 4.89 26.53
O2A M7G F . -11.88 6.98 25.31
O3A M7G F . -12.44 7.16 27.76
O5' M7G F . -10.29 5.86 27.04
PB M7G F . -12.14 7.08 29.36
O1B M7G F . -13.50 7.19 30.02
O2B M7G F . -11.42 5.77 29.64
O3B M7G F . -11.22 8.24 29.66
C5' M7G F . -9.80 4.54 27.28
C4' M7G F . -8.27 4.47 27.38
O4' M7G F . -7.72 4.10 26.11
C3' M7G F . -7.58 5.78 27.75
O3' M7G F . -6.46 5.47 28.58
C2' M7G F . -7.14 6.37 26.42
O2' M7G F . -5.85 6.96 26.50
C1' M7G F . -7.04 5.20 25.46
N9 M7G F . -7.59 5.49 24.10
C8 M7G F . -9.04 5.42 24.07
N7 M7G F . -9.19 5.73 22.66
CM7 M7G F . -10.60 5.76 22.20
C5 M7G F . -8.08 5.95 21.99
C6 M7G F . -7.84 6.30 20.59
O6 M7G F . -8.81 6.43 19.78
N1 M7G F . -6.56 6.43 20.25
C2 M7G F . -5.56 6.28 21.16
N2 M7G F . -4.28 6.46 20.75
N3 M7G F . -5.74 5.97 22.48
C4 M7G F . -6.98 5.78 22.96
#